data_3OOX
#
_entry.id   3OOX
#
_cell.length_a   57.645
_cell.length_b   80.920
_cell.length_c   142.373
_cell.angle_alpha   90.000
_cell.angle_beta   90.000
_cell.angle_gamma   90.000
#
_symmetry.space_group_name_H-M   'P 21 21 21'
#
loop_
_entity.id
_entity.type
_entity.pdbx_description
1 polymer 'putative 2OG-Fe(II) oxygenase family protein'
2 non-polymer 1,2-ETHANEDIOL
3 non-polymer 'CHLORIDE ION'
4 water water
#
_entity_poly.entity_id   1
_entity_poly.type   'polypeptide(L)'
_entity_poly.pdbx_seq_one_letter_code
;G(MSE)STSAIDPVSFSLYAKDFTRFAQELGASFERYGFAVLSDYDLDQARIDAAVDSAKAFFALPVETKKQYAGVKGGA
RGYIPFGVETAKGADHYDLKEFWH(MSE)GRDLPPGHRFRAH(MSE)ADNVWPAEIPAFKHDVSWLYNSLDG(MSE)GGK
VLEAIATYLKLERDFFKPTVQDGNSVLRLLHYPPIPKDATGVRAGAHGDINTITLLLGAEEGGLEVLDRDGQWLPINPPP
GCLVINIGD(MSE)LERLTNNVLPSTVHRVVNPPPERRGVPRYSTPFFLHFASDYEIKTLQNCVTAENPDRYPESITADE
FLQQRLREIKLA
;
_entity_poly.pdbx_strand_id   A,B
#
loop_
_chem_comp.id
_chem_comp.type
_chem_comp.name
_chem_comp.formula
CL non-polymer 'CHLORIDE ION' 'Cl -1'
EDO non-polymer 1,2-ETHANEDIOL 'C2 H6 O2'
#
# COMPACT_ATOMS: atom_id res chain seq x y z
N THR A 4 -17.95 -28.61 -15.97
N THR A 4 -18.34 -27.55 -14.85
CA THR A 4 -17.38 -28.71 -14.59
CA THR A 4 -17.45 -28.69 -14.52
C THR A 4 -16.18 -27.78 -14.47
C THR A 4 -16.02 -28.22 -14.23
N SER A 5 -15.89 -27.34 -13.25
CA SER A 5 -14.61 -26.66 -13.00
C SER A 5 -13.68 -27.51 -12.15
N ALA A 6 -12.40 -27.54 -12.53
CA ALA A 6 -11.38 -28.33 -11.84
C ALA A 6 -10.85 -27.69 -10.55
N ILE A 7 -11.17 -26.42 -10.33
CA ILE A 7 -10.63 -25.71 -9.18
C ILE A 7 -11.74 -25.05 -8.38
N ASP A 8 -11.89 -25.47 -7.13
CA ASP A 8 -12.97 -25.01 -6.26
C ASP A 8 -12.69 -23.59 -5.78
N PRO A 9 -13.72 -22.71 -5.79
CA PRO A 9 -13.47 -21.34 -5.30
C PRO A 9 -13.17 -21.27 -3.80
N VAL A 10 -12.36 -20.29 -3.44
CA VAL A 10 -12.07 -19.92 -2.05
C VAL A 10 -12.73 -18.57 -1.83
N SER A 11 -13.59 -18.45 -0.82
CA SER A 11 -14.31 -17.21 -0.60
C SER A 11 -13.41 -16.12 -0.02
N PHE A 12 -13.45 -14.96 -0.67
CA PHE A 12 -12.81 -13.76 -0.17
C PHE A 12 -13.36 -13.36 1.23
N SER A 13 -14.54 -13.85 1.62
CA SER A 13 -15.05 -13.53 2.96
C SER A 13 -14.08 -14.03 4.04
N LEU A 14 -13.28 -15.05 3.72
CA LEU A 14 -12.30 -15.59 4.64
C LEU A 14 -11.11 -14.65 4.88
N TYR A 15 -10.86 -13.71 3.97
CA TYR A 15 -9.74 -12.78 4.13
C TYR A 15 -9.84 -12.05 5.49
N ALA A 16 -11.03 -11.57 5.84
CA ALA A 16 -11.29 -10.96 7.15
C ALA A 16 -11.69 -12.01 8.19
N LYS A 17 -12.53 -13.00 7.82
CA LYS A 17 -13.07 -13.89 8.84
C LYS A 17 -12.07 -14.91 9.39
N ASP A 18 -11.15 -15.37 8.54
CA ASP A 18 -10.22 -16.43 8.90
C ASP A 18 -9.05 -16.40 7.92
N PHE A 19 -8.19 -15.40 8.08
CA PHE A 19 -7.15 -15.15 7.12
C PHE A 19 -6.19 -16.36 7.04
N THR A 20 -5.93 -17.02 8.16
CA THR A 20 -5.05 -18.19 8.15
C THR A 20 -5.58 -19.28 7.20
N ARG A 21 -6.87 -19.56 7.25
CA ARG A 21 -7.46 -20.51 6.32
C ARG A 21 -7.47 -20.00 4.84
N PHE A 22 -7.78 -18.71 4.65
CA PHE A 22 -7.73 -18.07 3.35
C PHE A 22 -6.38 -18.30 2.68
N ALA A 23 -5.31 -17.95 3.38
CA ALA A 23 -3.96 -18.11 2.86
C ALA A 23 -3.61 -19.58 2.57
N GLN A 24 -3.95 -20.49 3.47
CA GLN A 24 -3.72 -21.92 3.19
C GLN A 24 -4.47 -22.43 1.94
N GLU A 25 -5.77 -22.16 1.86
CA GLU A 25 -6.58 -22.67 0.74
C GLU A 25 -6.18 -22.04 -0.60
N LEU A 26 -6.01 -20.73 -0.62
CA LEU A 26 -5.53 -20.10 -1.86
C LEU A 26 -4.13 -20.58 -2.23
N GLY A 27 -3.22 -20.58 -1.26
CA GLY A 27 -1.85 -20.98 -1.51
C GLY A 27 -1.75 -22.37 -2.05
N ALA A 28 -2.51 -23.29 -1.46
CA ALA A 28 -2.44 -24.68 -1.85
C ALA A 28 -2.88 -24.82 -3.31
N SER A 29 -3.87 -24.03 -3.69
CA SER A 29 -4.36 -24.07 -5.05
C SER A 29 -3.29 -23.55 -6.04
N PHE A 30 -2.67 -22.43 -5.72
CA PHE A 30 -1.59 -21.91 -6.55
C PHE A 30 -0.46 -22.92 -6.68
N GLU A 31 -0.08 -23.53 -5.57
CA GLU A 31 1.05 -24.46 -5.60
C GLU A 31 0.74 -25.70 -6.47
N ARG A 32 -0.51 -26.16 -6.44
CA ARG A 32 -0.91 -27.35 -7.19
C ARG A 32 -1.08 -27.07 -8.69
N TYR A 33 -1.73 -25.96 -9.01
CA TYR A 33 -2.23 -25.71 -10.36
C TYR A 33 -1.65 -24.45 -11.03
N GLY A 34 -1.00 -23.60 -10.23
CA GLY A 34 -0.60 -22.26 -10.68
C GLY A 34 -1.75 -21.27 -10.75
N PHE A 35 -2.93 -21.68 -10.30
CA PHE A 35 -4.19 -20.96 -10.45
C PHE A 35 -5.00 -21.08 -9.16
N ALA A 36 -5.82 -20.08 -8.88
CA ALA A 36 -6.83 -20.15 -7.83
C ALA A 36 -8.06 -19.41 -8.29
N VAL A 37 -9.21 -19.76 -7.69
CA VAL A 37 -10.47 -19.12 -7.98
C VAL A 37 -10.95 -18.49 -6.70
N LEU A 38 -11.23 -17.19 -6.76
CA LEU A 38 -11.62 -16.37 -5.61
C LEU A 38 -13.07 -15.91 -5.80
N SER A 39 -13.95 -16.33 -4.88
CA SER A 39 -15.36 -15.96 -4.93
C SER A 39 -15.65 -14.86 -3.89
N ASP A 40 -16.84 -14.25 -3.99
CA ASP A 40 -17.33 -13.29 -3.00
C ASP A 40 -16.39 -12.09 -2.84
N TYR A 41 -15.92 -11.52 -3.95
CA TYR A 41 -15.04 -10.34 -3.88
C TYR A 41 -15.85 -9.15 -3.44
N ASP A 42 -15.17 -8.12 -2.94
CA ASP A 42 -15.88 -6.95 -2.41
C ASP A 42 -15.86 -5.76 -3.35
N LEU A 43 -15.34 -5.98 -4.58
CA LEU A 43 -15.30 -4.93 -5.59
CA LEU A 43 -15.29 -4.94 -5.58
C LEU A 43 -16.72 -4.54 -5.94
N ASP A 44 -16.95 -3.25 -6.09
CA ASP A 44 -18.26 -2.73 -6.46
C ASP A 44 -18.61 -3.19 -7.87
N GLN A 45 -19.59 -4.09 -7.98
CA GLN A 45 -19.96 -4.63 -9.30
C GLN A 45 -20.48 -3.59 -10.27
N ALA A 46 -21.23 -2.60 -9.78
CA ALA A 46 -21.66 -1.54 -10.69
C ALA A 46 -20.50 -0.77 -11.32
N ARG A 47 -19.39 -0.60 -10.58
CA ARG A 47 -18.24 0.10 -11.13
CA ARG A 47 -18.21 0.08 -11.07
C ARG A 47 -17.42 -0.83 -12.04
N ILE A 48 -17.37 -2.13 -11.73
CA ILE A 48 -16.78 -3.11 -12.68
C ILE A 48 -17.57 -2.99 -13.99
N ASP A 49 -18.91 -3.05 -13.86
CA ASP A 49 -19.78 -3.06 -15.05
C ASP A 49 -19.65 -1.76 -15.86
N ALA A 50 -19.47 -0.63 -15.18
CA ALA A 50 -19.22 0.66 -15.85
C ALA A 50 -17.91 0.63 -16.65
N ALA A 51 -16.86 0.04 -16.08
CA ALA A 51 -15.61 -0.08 -16.83
C ALA A 51 -15.83 -0.95 -18.07
N VAL A 52 -16.54 -2.06 -17.90
CA VAL A 52 -16.81 -2.97 -19.02
C VAL A 52 -17.66 -2.26 -20.08
N ASP A 53 -18.64 -1.47 -19.64
CA ASP A 53 -19.46 -0.72 -20.59
C ASP A 53 -18.64 0.31 -21.36
N SER A 54 -17.70 0.98 -20.69
CA SER A 54 -16.80 1.90 -21.39
C SER A 54 -15.91 1.18 -22.42
N ALA A 55 -15.41 0.00 -22.04
CA ALA A 55 -14.66 -0.83 -22.99
C ALA A 55 -15.50 -1.17 -24.21
N LYS A 56 -16.71 -1.68 -23.97
CA LYS A 56 -17.62 -2.04 -25.05
C LYS A 56 -17.90 -0.83 -25.95
N ALA A 57 -18.09 0.33 -25.34
CA ALA A 57 -18.36 1.55 -26.09
C ALA A 57 -17.16 1.96 -26.93
N PHE A 58 -15.97 1.85 -26.36
CA PHE A 58 -14.76 2.14 -27.12
C PHE A 58 -14.63 1.25 -28.37
N PHE A 59 -14.79 -0.06 -28.17
CA PHE A 59 -14.60 -1.00 -29.28
C PHE A 59 -15.69 -0.91 -30.34
N ALA A 60 -16.85 -0.35 -29.95
CA ALA A 60 -17.94 -0.06 -30.91
C ALA A 60 -17.70 1.19 -31.79
N LEU A 61 -16.69 1.99 -31.47
CA LEU A 61 -16.35 3.16 -32.29
C LEU A 61 -15.89 2.75 -33.69
N PRO A 62 -15.98 3.66 -34.68
CA PRO A 62 -15.45 3.36 -36.02
C PRO A 62 -13.97 3.00 -35.96
N VAL A 63 -13.51 2.16 -36.88
CA VAL A 63 -12.11 1.72 -36.92
CA VAL A 63 -12.12 1.73 -36.83
C VAL A 63 -11.16 2.90 -36.98
N GLU A 64 -11.44 3.88 -37.85
CA GLU A 64 -10.49 4.99 -37.95
C GLU A 64 -10.40 5.83 -36.69
N THR A 65 -11.50 5.87 -35.91
CA THR A 65 -11.51 6.58 -34.65
C THR A 65 -10.63 5.82 -33.65
N LYS A 66 -10.79 4.50 -33.62
CA LYS A 66 -9.98 3.67 -32.73
C LYS A 66 -8.50 3.77 -33.08
N LYS A 67 -8.19 3.86 -34.37
CA LYS A 67 -6.78 3.85 -34.82
C LYS A 67 -6.02 5.15 -34.55
N GLN A 68 -6.73 6.18 -34.12
CA GLN A 68 -6.08 7.36 -33.57
C GLN A 68 -5.18 6.96 -32.41
N TYR A 69 -5.53 5.86 -31.74
CA TYR A 69 -4.85 5.44 -30.50
C TYR A 69 -3.96 4.22 -30.73
N ALA A 70 -3.76 3.88 -32.00
CA ALA A 70 -2.88 2.77 -32.40
C ALA A 70 -1.45 3.22 -32.63
N GLY A 71 -0.54 2.24 -32.69
CA GLY A 71 0.86 2.51 -32.94
C GLY A 71 1.57 3.23 -31.81
N VAL A 72 1.03 3.15 -30.61
CA VAL A 72 1.61 3.82 -29.44
C VAL A 72 2.50 2.80 -28.72
N LYS A 73 3.81 3.06 -28.71
CA LYS A 73 4.75 2.26 -27.93
C LYS A 73 4.58 0.76 -28.19
N GLY A 74 4.43 0.44 -29.47
CA GLY A 74 4.39 -0.95 -29.89
C GLY A 74 3.18 -1.70 -29.41
N GLY A 75 2.15 -0.96 -29.04
CA GLY A 75 0.91 -1.53 -28.53
C GLY A 75 0.86 -1.68 -27.03
N ALA A 76 1.94 -1.25 -26.34
CA ALA A 76 1.98 -1.34 -24.90
C ALA A 76 1.03 -0.35 -24.21
N ARG A 77 0.63 0.69 -24.92
CA ARG A 77 -0.38 1.64 -24.44
C ARG A 77 -1.35 1.87 -25.58
N GLY A 78 -2.62 2.09 -25.25
CA GLY A 78 -3.61 2.35 -26.29
C GLY A 78 -4.09 1.13 -27.04
N TYR A 79 -4.41 1.34 -28.31
CA TYR A 79 -5.20 0.41 -29.10
C TYR A 79 -4.32 -0.48 -29.98
N ILE A 80 -4.71 -1.76 -30.11
CA ILE A 80 -4.12 -2.67 -31.08
C ILE A 80 -5.27 -3.20 -31.94
N PRO A 81 -5.19 -2.97 -33.24
CA PRO A 81 -6.24 -3.43 -34.14
C PRO A 81 -6.17 -4.90 -34.47
N PHE A 82 -7.20 -5.38 -35.13
CA PHE A 82 -7.21 -6.73 -35.70
C PHE A 82 -5.97 -6.93 -36.55
N GLY A 83 -5.41 -8.13 -36.46
CA GLY A 83 -4.20 -8.50 -37.22
C GLY A 83 -4.24 -9.97 -37.62
N VAL A 84 -3.16 -10.42 -38.24
CA VAL A 84 -3.07 -11.76 -38.80
C VAL A 84 -1.88 -12.54 -38.25
N GLU A 85 -2.12 -13.81 -37.93
CA GLU A 85 -1.03 -14.74 -37.57
CA GLU A 85 -1.05 -14.75 -37.56
C GLU A 85 -0.56 -15.44 -38.84
N THR A 86 0.69 -15.19 -39.22
CA THR A 86 1.25 -15.69 -40.49
C THR A 86 1.62 -17.18 -40.49
N ALA A 87 1.70 -17.80 -39.31
CA ALA A 87 2.18 -19.18 -39.15
C ALA A 87 1.18 -20.22 -39.68
N LYS A 88 1.71 -21.29 -40.27
CA LYS A 88 0.90 -22.44 -40.69
C LYS A 88 0.22 -23.07 -39.46
N GLY A 89 -0.97 -23.64 -39.66
CA GLY A 89 -1.77 -24.19 -38.56
C GLY A 89 -2.57 -23.15 -37.77
N ALA A 90 -2.37 -21.88 -38.07
CA ALA A 90 -3.15 -20.80 -37.48
C ALA A 90 -4.50 -20.76 -38.18
N ASP A 91 -5.56 -20.43 -37.43
CA ASP A 91 -6.86 -20.29 -38.07
CA ASP A 91 -6.88 -20.25 -38.05
C ASP A 91 -6.81 -19.12 -39.07
N HIS A 92 -7.63 -19.21 -40.10
CA HIS A 92 -7.69 -18.15 -41.11
C HIS A 92 -8.06 -16.83 -40.44
N TYR A 93 -9.01 -16.90 -39.51
CA TYR A 93 -9.43 -15.72 -38.75
C TYR A 93 -9.09 -15.91 -37.28
N ASP A 94 -8.40 -14.94 -36.71
CA ASP A 94 -8.20 -14.87 -35.27
C ASP A 94 -8.31 -13.39 -34.97
N LEU A 95 -9.54 -12.94 -34.89
CA LEU A 95 -9.86 -11.52 -34.81
C LEU A 95 -10.12 -11.09 -33.38
N LYS A 96 -9.20 -10.28 -32.85
CA LYS A 96 -9.35 -9.73 -31.53
C LYS A 96 -8.65 -8.36 -31.53
N GLU A 97 -9.19 -7.45 -30.73
CA GLU A 97 -8.64 -6.11 -30.63
C GLU A 97 -8.42 -5.79 -29.16
N PHE A 98 -7.46 -4.93 -28.86
CA PHE A 98 -6.99 -4.68 -27.51
C PHE A 98 -6.95 -3.18 -27.18
N TRP A 99 -7.11 -2.89 -25.89
CA TRP A 99 -6.70 -1.61 -25.31
C TRP A 99 -5.82 -1.93 -24.10
N HIS A 100 -4.68 -1.29 -23.99
CA HIS A 100 -3.84 -1.45 -22.82
C HIS A 100 -3.66 -0.15 -22.05
N MSE A 101 -3.90 -0.26 -20.75
CA MSE A 101 -3.66 0.82 -19.81
C MSE A 101 -2.56 0.39 -18.88
O MSE A 101 -2.67 -0.65 -18.23
CB MSE A 101 -4.93 1.14 -19.00
CG MSE A 101 -4.71 2.27 -17.97
SE MSE A 101 -6.15 2.37 -16.69
CE MSE A 101 -5.14 3.37 -15.33
N GLY A 102 -1.51 1.22 -18.80
CA GLY A 102 -0.45 1.03 -17.82
C GLY A 102 -0.67 1.92 -16.60
N ARG A 103 0.34 1.98 -15.74
CA ARG A 103 0.25 2.82 -14.52
C ARG A 103 0.34 4.29 -14.87
N ASP A 104 -0.52 5.09 -14.24
CA ASP A 104 -0.40 6.56 -14.28
C ASP A 104 0.56 6.94 -13.18
N LEU A 105 1.71 7.50 -13.57
CA LEU A 105 2.75 7.87 -12.65
C LEU A 105 2.63 9.35 -12.34
N PRO A 106 3.02 9.73 -11.13
CA PRO A 106 3.01 11.15 -10.83
C PRO A 106 4.06 11.88 -11.63
N PRO A 107 3.89 13.19 -11.82
CA PRO A 107 4.94 13.98 -12.45
C PRO A 107 6.30 13.76 -11.79
N GLY A 108 7.35 13.66 -12.62
CA GLY A 108 8.69 13.50 -12.11
C GLY A 108 9.11 12.11 -11.68
N HIS A 109 8.21 11.14 -11.74
CA HIS A 109 8.52 9.77 -11.26
C HIS A 109 9.74 9.18 -12.00
N ARG A 110 10.59 8.49 -11.27
CA ARG A 110 11.82 7.90 -11.78
C ARG A 110 11.57 6.84 -12.86
N PHE A 111 10.37 6.24 -12.87
CA PHE A 111 10.06 5.20 -13.88
C PHE A 111 9.58 5.76 -15.21
N ARG A 112 9.36 7.07 -15.31
CA ARG A 112 8.83 7.62 -16.54
C ARG A 112 9.75 7.38 -17.75
N ALA A 113 11.06 7.29 -17.53
CA ALA A 113 11.98 7.04 -18.64
C ALA A 113 11.76 5.71 -19.35
N HIS A 114 11.14 4.73 -18.68
CA HIS A 114 10.89 3.44 -19.34
C HIS A 114 9.42 2.98 -19.30
N MSE A 115 8.55 3.73 -18.61
CA MSE A 115 7.11 3.44 -18.57
C MSE A 115 6.34 4.57 -19.20
O MSE A 115 6.29 5.70 -18.68
CB MSE A 115 6.66 3.25 -17.11
CG MSE A 115 7.04 1.91 -16.60
SE MSE A 115 6.77 1.62 -14.71
CE MSE A 115 4.92 2.04 -14.59
N ALA A 116 5.77 4.27 -20.38
CA ALA A 116 5.13 5.30 -21.16
C ALA A 116 3.81 5.79 -20.57
N ASP A 117 3.51 7.06 -20.84
CA ASP A 117 2.25 7.64 -20.43
C ASP A 117 1.09 6.91 -21.09
N ASN A 118 -0.03 6.86 -20.37
CA ASN A 118 -1.30 6.39 -20.96
C ASN A 118 -1.81 7.37 -22.01
N VAL A 119 -2.57 6.84 -22.94
CA VAL A 119 -3.39 7.65 -23.82
C VAL A 119 -4.84 7.30 -23.47
N TRP A 120 -5.78 8.15 -23.90
CA TRP A 120 -7.20 8.03 -23.54
C TRP A 120 -8.08 8.40 -24.72
N PRO A 121 -9.21 7.69 -24.87
CA PRO A 121 -10.10 7.99 -26.01
C PRO A 121 -11.09 9.11 -25.70
N ALA A 122 -10.87 10.28 -26.28
CA ALA A 122 -11.74 11.45 -26.01
C ALA A 122 -13.22 11.18 -26.31
N GLU A 123 -13.47 10.28 -27.26
CA GLU A 123 -14.83 9.97 -27.71
C GLU A 123 -15.72 9.23 -26.71
N ILE A 124 -15.10 8.66 -25.67
CA ILE A 124 -15.80 7.95 -24.60
C ILE A 124 -15.45 8.72 -23.33
N PRO A 125 -16.23 9.78 -23.04
CA PRO A 125 -15.86 10.64 -21.93
C PRO A 125 -15.64 9.98 -20.57
N ALA A 126 -16.42 8.95 -20.24
CA ALA A 126 -16.30 8.28 -18.94
C ALA A 126 -15.19 7.22 -18.88
N PHE A 127 -14.54 6.96 -20.00
CA PHE A 127 -13.55 5.85 -20.08
C PHE A 127 -12.40 6.03 -19.09
N LYS A 128 -11.74 7.19 -19.10
CA LYS A 128 -10.57 7.38 -18.23
C LYS A 128 -10.97 7.09 -16.78
N HIS A 129 -12.07 7.68 -16.32
CA HIS A 129 -12.50 7.46 -14.95
C HIS A 129 -12.88 5.99 -14.65
N ASP A 130 -13.71 5.41 -15.49
CA ASP A 130 -14.27 4.09 -15.21
C ASP A 130 -13.16 3.04 -15.31
N VAL A 131 -12.34 3.13 -16.35
CA VAL A 131 -11.31 2.12 -16.58
C VAL A 131 -10.16 2.28 -15.54
N SER A 132 -9.83 3.53 -15.18
CA SER A 132 -8.81 3.75 -14.15
CA SER A 132 -8.80 3.74 -14.17
C SER A 132 -9.26 3.16 -12.82
N TRP A 133 -10.55 3.30 -12.48
CA TRP A 133 -11.08 2.71 -11.26
C TRP A 133 -10.83 1.19 -11.25
N LEU A 134 -11.05 0.56 -12.40
CA LEU A 134 -10.91 -0.89 -12.48
C LEU A 134 -9.45 -1.33 -12.32
N TYR A 135 -8.55 -0.58 -12.93
CA TYR A 135 -7.09 -0.79 -12.82
C TYR A 135 -6.69 -0.81 -11.33
N ASN A 136 -7.10 0.25 -10.64
CA ASN A 136 -6.69 0.38 -9.24
C ASN A 136 -7.43 -0.59 -8.32
N SER A 137 -8.67 -0.92 -8.65
CA SER A 137 -9.41 -1.91 -7.89
CA SER A 137 -9.41 -1.92 -7.86
C SER A 137 -8.80 -3.30 -7.99
N LEU A 138 -8.44 -3.70 -9.20
CA LEU A 138 -7.82 -5.01 -9.39
C LEU A 138 -6.40 -5.04 -8.81
N ASP A 139 -5.68 -3.91 -8.92
CA ASP A 139 -4.33 -3.81 -8.33
C ASP A 139 -4.45 -3.99 -6.81
N GLY A 140 -5.48 -3.37 -6.23
CA GLY A 140 -5.72 -3.54 -4.78
C GLY A 140 -6.05 -4.95 -4.33
N MSE A 141 -6.93 -5.60 -5.08
CA MSE A 141 -7.29 -6.97 -4.79
C MSE A 141 -6.06 -7.88 -4.96
O MSE A 141 -5.82 -8.79 -4.17
CB MSE A 141 -8.47 -7.45 -5.63
CG MSE A 141 -8.78 -8.88 -5.39
SE MSE A 141 -9.18 -9.30 -3.53
CE MSE A 141 -11.06 -8.77 -3.61
N GLY A 142 -5.25 -7.60 -5.99
CA GLY A 142 -4.00 -8.32 -6.17
C GLY A 142 -3.08 -8.24 -4.96
N GLY A 143 -3.04 -7.06 -4.36
CA GLY A 143 -2.27 -6.88 -3.12
C GLY A 143 -2.77 -7.78 -2.00
N LYS A 144 -4.09 -7.91 -1.85
CA LYS A 144 -4.69 -8.75 -0.82
C LYS A 144 -4.40 -10.24 -1.07
N VAL A 145 -4.47 -10.65 -2.34
CA VAL A 145 -4.10 -12.00 -2.73
C VAL A 145 -2.62 -12.27 -2.44
N LEU A 146 -1.78 -11.27 -2.68
CA LEU A 146 -0.37 -11.41 -2.40
C LEU A 146 -0.10 -11.54 -0.90
N GLU A 147 -0.91 -10.86 -0.10
CA GLU A 147 -0.80 -11.10 1.37
C GLU A 147 -1.00 -12.57 1.74
N ALA A 148 -2.00 -13.20 1.13
CA ALA A 148 -2.28 -14.59 1.36
C ALA A 148 -1.11 -15.45 0.86
N ILE A 149 -0.61 -15.13 -0.33
CA ILE A 149 0.56 -15.85 -0.87
C ILE A 149 1.79 -15.73 0.07
N ALA A 150 2.05 -14.53 0.55
CA ALA A 150 3.15 -14.28 1.52
C ALA A 150 3.02 -15.15 2.78
N THR A 151 1.82 -15.16 3.36
CA THR A 151 1.57 -15.97 4.55
C THR A 151 1.73 -17.48 4.23
N TYR A 152 1.25 -17.90 3.07
CA TYR A 152 1.39 -19.31 2.66
C TYR A 152 2.85 -19.72 2.58
N LEU A 153 3.68 -18.79 2.09
CA LEU A 153 5.10 -18.99 1.92
C LEU A 153 5.89 -18.78 3.22
N LYS A 154 5.17 -18.54 4.32
CA LYS A 154 5.78 -18.33 5.66
C LYS A 154 6.64 -17.08 5.70
N LEU A 155 6.20 -16.07 4.96
CA LEU A 155 6.75 -14.74 4.95
C LEU A 155 5.91 -13.79 5.81
N GLU A 156 6.45 -12.62 6.10
CA GLU A 156 5.66 -11.53 6.67
C GLU A 156 4.44 -11.27 5.78
N ARG A 157 3.28 -11.05 6.40
CA ARG A 157 2.05 -10.85 5.62
C ARG A 157 2.14 -9.72 4.60
N ASP A 158 2.86 -8.66 4.96
CA ASP A 158 3.06 -7.50 4.09
C ASP A 158 4.30 -7.58 3.20
N PHE A 159 4.89 -8.76 3.06
CA PHE A 159 6.13 -8.94 2.28
C PHE A 159 6.08 -8.27 0.91
N PHE A 160 4.98 -8.46 0.19
CA PHE A 160 4.92 -8.01 -1.18
C PHE A 160 4.67 -6.53 -1.32
N LYS A 161 4.25 -5.85 -0.25
CA LYS A 161 3.85 -4.45 -0.34
C LYS A 161 4.87 -3.55 -1.09
N PRO A 162 6.16 -3.49 -0.65
CA PRO A 162 7.10 -2.66 -1.38
C PRO A 162 7.42 -3.20 -2.75
N THR A 163 7.28 -4.51 -2.94
CA THR A 163 7.69 -5.16 -4.19
C THR A 163 6.77 -4.82 -5.34
N VAL A 164 5.54 -4.41 -5.06
CA VAL A 164 4.57 -4.13 -6.12
C VAL A 164 4.19 -2.67 -6.18
N GLN A 165 4.77 -1.85 -5.30
CA GLN A 165 4.49 -0.43 -5.34
C GLN A 165 4.95 0.18 -6.67
N ASP A 166 4.07 0.96 -7.29
CA ASP A 166 4.33 1.53 -8.61
C ASP A 166 4.73 0.46 -9.64
N GLY A 167 4.22 -0.74 -9.47
CA GLY A 167 4.51 -1.83 -10.38
C GLY A 167 4.03 -1.55 -11.80
N ASN A 168 4.72 -2.14 -12.77
CA ASN A 168 4.50 -1.88 -14.21
C ASN A 168 3.32 -2.71 -14.70
N SER A 169 2.21 -2.60 -13.99
CA SER A 169 1.02 -3.41 -14.23
C SER A 169 0.19 -2.88 -15.37
N VAL A 170 -0.52 -3.79 -16.01
CA VAL A 170 -1.30 -3.44 -17.21
C VAL A 170 -2.70 -4.02 -17.07
N LEU A 171 -3.69 -3.15 -17.29
CA LEU A 171 -5.08 -3.57 -17.48
C LEU A 171 -5.31 -3.68 -18.97
N ARG A 172 -5.68 -4.89 -19.43
CA ARG A 172 -5.94 -5.13 -20.83
C ARG A 172 -7.45 -5.24 -20.98
N LEU A 173 -7.97 -4.54 -21.99
CA LEU A 173 -9.35 -4.68 -22.44
C LEU A 173 -9.28 -5.42 -23.78
N LEU A 174 -10.00 -6.53 -23.91
CA LEU A 174 -9.90 -7.44 -25.05
C LEU A 174 -11.30 -7.71 -25.59
N HIS A 175 -11.46 -7.62 -26.91
CA HIS A 175 -12.72 -7.89 -27.57
C HIS A 175 -12.53 -8.84 -28.72
N TYR A 176 -13.29 -9.94 -28.69
CA TYR A 176 -13.43 -10.84 -29.83
C TYR A 176 -14.81 -10.62 -30.48
N PRO A 177 -14.84 -10.02 -31.68
CA PRO A 177 -16.12 -9.87 -32.36
C PRO A 177 -16.67 -11.22 -32.79
N PRO A 178 -18.00 -11.34 -32.85
CA PRO A 178 -18.53 -12.58 -33.34
C PRO A 178 -18.30 -12.68 -34.85
N ILE A 179 -17.91 -13.88 -35.26
CA ILE A 179 -17.66 -14.26 -36.66
CA ILE A 179 -17.72 -14.24 -36.66
C ILE A 179 -18.59 -15.48 -36.88
N PRO A 180 -19.31 -15.53 -38.02
CA PRO A 180 -20.21 -16.66 -38.29
C PRO A 180 -19.43 -17.88 -38.83
N LYS A 181 -18.51 -18.38 -38.02
CA LYS A 181 -17.59 -19.45 -38.39
C LYS A 181 -16.90 -20.07 -37.16
N ASP A 182 -16.74 -21.39 -37.19
CA ASP A 182 -16.08 -22.14 -36.10
C ASP A 182 -14.55 -22.10 -36.21
N ALA A 183 -13.88 -21.86 -35.08
CA ALA A 183 -12.41 -22.02 -35.00
C ALA A 183 -12.04 -23.45 -34.56
N THR A 184 -10.88 -23.93 -35.00
CA THR A 184 -10.37 -25.22 -34.53
C THR A 184 -9.68 -26.04 -35.61
N ARG A 187 -9.38 -20.53 -29.11
CA ARG A 187 -9.57 -19.07 -29.04
C ARG A 187 -8.26 -18.35 -28.68
N ALA A 188 -7.73 -18.62 -27.49
CA ALA A 188 -6.45 -18.08 -27.04
C ALA A 188 -5.44 -19.21 -26.97
N GLY A 189 -4.39 -19.12 -27.79
CA GLY A 189 -3.38 -20.16 -27.87
C GLY A 189 -2.63 -20.32 -26.56
N ALA A 190 -2.12 -21.51 -26.34
CA ALA A 190 -1.51 -21.86 -25.08
C ALA A 190 -0.32 -20.92 -24.77
N HIS A 191 -0.27 -20.43 -23.52
CA HIS A 191 0.80 -19.54 -23.09
C HIS A 191 0.88 -19.51 -21.57
N GLY A 192 1.98 -18.96 -21.06
CA GLY A 192 2.12 -18.61 -19.65
C GLY A 192 2.26 -17.09 -19.56
N ASP A 193 2.09 -16.56 -18.36
CA ASP A 193 2.23 -15.15 -18.12
C ASP A 193 3.59 -14.86 -17.50
N ILE A 194 4.15 -13.70 -17.86
CA ILE A 194 5.52 -13.34 -17.45
C ILE A 194 5.61 -12.52 -16.18
N ASN A 195 4.46 -12.09 -15.65
CA ASN A 195 4.38 -11.09 -14.60
C ASN A 195 4.31 -11.72 -13.22
N THR A 196 3.73 -11.05 -12.24
CA THR A 196 3.69 -11.54 -10.87
C THR A 196 2.47 -12.42 -10.61
N ILE A 197 1.29 -11.81 -10.66
CA ILE A 197 0.04 -12.54 -10.75
C ILE A 197 -0.88 -11.84 -11.74
N THR A 198 -1.82 -12.59 -12.33
CA THR A 198 -2.82 -12.05 -13.23
C THR A 198 -4.22 -12.34 -12.64
N LEU A 199 -5.09 -11.31 -12.66
CA LEU A 199 -6.42 -11.38 -12.11
C LEU A 199 -7.48 -11.23 -13.19
N LEU A 200 -8.36 -12.22 -13.33
CA LEU A 200 -9.34 -12.26 -14.41
C LEU A 200 -10.76 -12.35 -13.92
N LEU A 201 -11.49 -11.27 -14.15
CA LEU A 201 -12.94 -11.28 -13.98
C LEU A 201 -13.66 -12.00 -15.14
N GLY A 202 -14.90 -12.42 -14.90
CA GLY A 202 -15.82 -12.81 -15.98
C GLY A 202 -15.49 -14.09 -16.72
N ALA A 203 -14.77 -15.00 -16.09
CA ALA A 203 -14.39 -16.25 -16.75
C ALA A 203 -15.49 -17.33 -16.80
N GLU A 204 -16.64 -17.06 -16.17
CA GLU A 204 -17.74 -18.02 -16.20
C GLU A 204 -18.08 -18.39 -17.67
N GLU A 205 -18.11 -19.69 -17.93
CA GLU A 205 -18.42 -20.24 -19.26
C GLU A 205 -17.58 -19.63 -20.37
N GLY A 206 -16.33 -19.28 -20.01
CA GLY A 206 -15.42 -18.64 -20.95
C GLY A 206 -14.44 -19.53 -21.67
N GLY A 207 -14.40 -20.83 -21.34
CA GLY A 207 -13.46 -21.76 -22.00
C GLY A 207 -11.99 -21.74 -21.55
N LEU A 208 -11.73 -21.18 -20.38
CA LEU A 208 -10.37 -21.17 -19.83
C LEU A 208 -9.97 -22.55 -19.39
N GLU A 209 -8.77 -22.99 -19.76
CA GLU A 209 -8.25 -24.27 -19.35
C GLU A 209 -6.80 -24.14 -18.93
N VAL A 210 -6.39 -24.91 -17.92
CA VAL A 210 -4.99 -24.94 -17.48
C VAL A 210 -4.40 -26.29 -17.81
N LEU A 211 -3.14 -26.30 -18.29
CA LEU A 211 -2.48 -27.54 -18.54
C LEU A 211 -1.95 -28.15 -17.23
N ASP A 212 -2.46 -29.33 -16.87
CA ASP A 212 -2.01 -29.99 -15.65
C ASP A 212 -0.66 -30.66 -15.87
N ARG A 213 -0.02 -31.06 -14.76
CA ARG A 213 1.31 -31.66 -14.81
C ARG A 213 1.40 -32.87 -15.72
N ASP A 214 0.33 -33.64 -15.81
CA ASP A 214 0.32 -34.83 -16.64
C ASP A 214 -0.06 -34.58 -18.09
N GLY A 215 -0.19 -33.31 -18.47
CA GLY A 215 -0.54 -32.93 -19.85
C GLY A 215 -2.01 -32.92 -20.23
N GLN A 216 -2.90 -33.12 -19.25
CA GLN A 216 -4.34 -32.98 -19.47
C GLN A 216 -4.74 -31.52 -19.29
N TRP A 217 -5.67 -31.05 -20.13
CA TRP A 217 -6.25 -29.73 -20.02
C TRP A 217 -7.44 -29.79 -19.05
N LEU A 218 -7.36 -28.96 -18.01
CA LEU A 218 -8.39 -28.89 -16.98
C LEU A 218 -9.21 -27.63 -17.14
N PRO A 219 -10.56 -27.75 -17.18
CA PRO A 219 -11.39 -26.56 -17.29
C PRO A 219 -11.38 -25.72 -16.01
N ILE A 220 -11.28 -24.40 -16.16
CA ILE A 220 -11.47 -23.46 -15.07
C ILE A 220 -12.70 -22.68 -15.46
N ASN A 221 -13.81 -23.06 -14.83
CA ASN A 221 -15.14 -22.57 -15.19
C ASN A 221 -15.85 -22.09 -13.93
N PRO A 222 -15.53 -20.88 -13.47
CA PRO A 222 -16.06 -20.49 -12.17
C PRO A 222 -17.51 -20.01 -12.26
N PRO A 223 -18.19 -19.93 -11.11
CA PRO A 223 -19.45 -19.21 -11.12
C PRO A 223 -19.22 -17.73 -11.37
N PRO A 224 -20.27 -16.98 -11.67
CA PRO A 224 -20.20 -15.53 -11.79
C PRO A 224 -19.69 -14.87 -10.51
N GLY A 225 -19.22 -13.63 -10.64
CA GLY A 225 -18.73 -12.84 -9.50
C GLY A 225 -17.47 -13.41 -8.86
N CYS A 226 -16.60 -14.00 -9.70
CA CYS A 226 -15.32 -14.50 -9.19
C CYS A 226 -14.14 -13.86 -9.94
N LEU A 227 -12.96 -14.01 -9.35
CA LEU A 227 -11.70 -13.72 -10.00
C LEU A 227 -10.93 -15.02 -10.14
N VAL A 228 -10.44 -15.28 -11.35
CA VAL A 228 -9.52 -16.39 -11.56
C VAL A 228 -8.12 -15.76 -11.54
N ILE A 229 -7.25 -16.29 -10.70
CA ILE A 229 -5.95 -15.70 -10.49
C ILE A 229 -4.87 -16.72 -10.81
N ASN A 230 -3.82 -16.29 -11.50
CA ASN A 230 -2.66 -17.19 -11.80
C ASN A 230 -1.33 -16.56 -11.47
N ILE A 231 -0.40 -17.44 -11.10
CA ILE A 231 1.00 -17.10 -10.85
C ILE A 231 1.68 -16.81 -12.20
N GLY A 232 2.53 -15.77 -12.25
CA GLY A 232 3.32 -15.48 -13.44
C GLY A 232 4.79 -15.77 -13.19
N ASP A 233 5.58 -15.65 -14.25
CA ASP A 233 6.95 -16.08 -14.21
C ASP A 233 7.78 -15.31 -13.17
N MSE A 234 7.50 -14.03 -12.93
CA MSE A 234 8.29 -13.27 -11.93
CA MSE A 234 8.27 -13.26 -11.94
C MSE A 234 8.15 -13.90 -10.56
O MSE A 234 9.15 -14.02 -9.82
CB MSE A 234 7.84 -11.80 -11.86
CB MSE A 234 7.79 -11.79 -11.83
CG MSE A 234 8.26 -10.94 -13.02
CG MSE A 234 7.73 -10.99 -13.14
SE MSE A 234 7.44 -9.18 -12.94
SE MSE A 234 9.18 -9.73 -13.52
CE MSE A 234 8.20 -8.41 -14.52
CE MSE A 234 8.50 -9.05 -15.22
N LEU A 235 6.93 -14.30 -10.18
CA LEU A 235 6.71 -14.86 -8.85
C LEU A 235 7.22 -16.29 -8.81
N GLU A 236 7.04 -17.04 -9.92
CA GLU A 236 7.63 -18.38 -10.02
C GLU A 236 9.13 -18.29 -9.74
N ARG A 237 9.82 -17.33 -10.35
CA ARG A 237 11.27 -17.21 -10.18
C ARG A 237 11.63 -16.84 -8.74
N LEU A 238 10.90 -15.89 -8.17
CA LEU A 238 11.16 -15.49 -6.78
C LEU A 238 11.09 -16.67 -5.82
N THR A 239 10.13 -17.58 -6.04
CA THR A 239 9.88 -18.72 -5.15
C THR A 239 10.67 -19.98 -5.53
N ASN A 240 11.69 -19.83 -6.36
CA ASN A 240 12.49 -20.99 -6.80
C ASN A 240 11.58 -22.10 -7.32
N ASN A 241 10.56 -21.66 -8.04
CA ASN A 241 9.56 -22.53 -8.70
C ASN A 241 8.64 -23.31 -7.76
N VAL A 242 8.63 -22.98 -6.48
CA VAL A 242 7.70 -23.55 -5.53
C VAL A 242 6.25 -23.25 -5.97
N LEU A 243 6.00 -22.01 -6.40
CA LEU A 243 4.72 -21.66 -7.01
C LEU A 243 4.90 -21.60 -8.52
N PRO A 244 4.21 -22.49 -9.27
CA PRO A 244 4.48 -22.62 -10.71
C PRO A 244 3.67 -21.62 -11.53
N SER A 245 4.30 -21.07 -12.58
CA SER A 245 3.63 -20.29 -13.60
C SER A 245 3.23 -21.28 -14.70
N THR A 246 1.93 -21.52 -14.81
CA THR A 246 1.46 -22.62 -15.64
C THR A 246 0.87 -22.14 -16.97
N VAL A 247 0.81 -23.10 -17.91
CA VAL A 247 0.36 -22.88 -19.26
C VAL A 247 -1.15 -22.98 -19.29
N HIS A 248 -1.78 -22.02 -19.95
CA HIS A 248 -3.22 -22.01 -20.07
C HIS A 248 -3.67 -21.57 -21.46
N ARG A 249 -4.94 -21.81 -21.76
CA ARG A 249 -5.50 -21.48 -23.06
C ARG A 249 -6.96 -21.19 -22.88
N VAL A 250 -7.57 -20.64 -23.92
CA VAL A 250 -9.00 -20.47 -24.00
C VAL A 250 -9.51 -21.17 -25.24
N VAL A 251 -10.42 -22.12 -25.05
CA VAL A 251 -10.99 -22.86 -26.19
C VAL A 251 -12.15 -22.06 -26.79
N ASN A 252 -12.49 -22.36 -28.04
CA ASN A 252 -13.59 -21.67 -28.72
C ASN A 252 -14.90 -21.99 -28.04
N PRO A 253 -15.85 -21.04 -28.04
CA PRO A 253 -17.15 -21.34 -27.44
C PRO A 253 -17.86 -22.44 -28.23
N PRO A 254 -18.87 -23.08 -27.64
CA PRO A 254 -19.65 -24.06 -28.40
C PRO A 254 -20.57 -23.38 -29.44
N PRO A 255 -21.20 -24.16 -30.32
CA PRO A 255 -22.04 -23.57 -31.37
C PRO A 255 -23.05 -22.56 -30.84
N GLU A 256 -23.67 -22.86 -29.70
CA GLU A 256 -24.73 -22.02 -29.12
C GLU A 256 -24.20 -20.65 -28.70
N ARG A 257 -23.00 -20.63 -28.11
CA ARG A 257 -22.38 -19.39 -27.63
C ARG A 257 -21.63 -18.63 -28.74
N ARG A 258 -21.48 -19.26 -29.91
CA ARG A 258 -21.00 -18.56 -31.09
C ARG A 258 -22.07 -17.53 -31.49
N GLY A 259 -21.63 -16.37 -31.97
CA GLY A 259 -22.54 -15.26 -32.28
C GLY A 259 -22.57 -14.20 -31.20
N VAL A 260 -22.02 -14.52 -30.04
CA VAL A 260 -21.93 -13.59 -28.93
C VAL A 260 -20.52 -12.97 -28.95
N PRO A 261 -20.43 -11.62 -28.93
CA PRO A 261 -19.11 -11.01 -28.72
C PRO A 261 -18.56 -11.38 -27.35
N ARG A 262 -17.24 -11.47 -27.24
CA ARG A 262 -16.61 -11.76 -25.98
C ARG A 262 -15.73 -10.58 -25.60
N TYR A 263 -15.82 -10.17 -24.35
CA TYR A 263 -14.96 -9.14 -23.80
C TYR A 263 -14.31 -9.71 -22.56
N SER A 264 -13.08 -9.33 -22.34
CA SER A 264 -12.34 -9.72 -21.15
CA SER A 264 -12.40 -9.66 -21.10
C SER A 264 -11.47 -8.55 -20.70
N THR A 265 -11.24 -8.43 -19.40
CA THR A 265 -10.45 -7.34 -18.85
C THR A 265 -9.43 -7.84 -17.83
N PRO A 266 -8.48 -8.70 -18.25
CA PRO A 266 -7.47 -9.17 -17.32
C PRO A 266 -6.53 -8.05 -16.83
N PHE A 267 -6.07 -8.19 -15.58
CA PHE A 267 -5.12 -7.27 -14.98
C PHE A 267 -3.84 -8.04 -14.72
N PHE A 268 -2.76 -7.62 -15.37
CA PHE A 268 -1.44 -8.22 -15.26
C PHE A 268 -0.63 -7.42 -14.24
N LEU A 269 -0.58 -7.98 -13.01
CA LEU A 269 0.10 -7.32 -11.92
C LEU A 269 1.57 -7.65 -11.97
N HIS A 270 2.40 -6.61 -11.97
CA HIS A 270 3.86 -6.71 -12.06
C HIS A 270 4.51 -6.11 -10.82
N PHE A 271 5.71 -6.62 -10.52
CA PHE A 271 6.55 -6.00 -9.53
C PHE A 271 6.98 -4.58 -10.02
N ALA A 272 7.41 -3.75 -9.07
CA ALA A 272 8.18 -2.56 -9.34
C ALA A 272 9.40 -2.85 -10.22
N SER A 273 9.62 -1.99 -11.19
CA SER A 273 10.70 -2.14 -12.18
C SER A 273 12.08 -2.35 -11.56
N ASP A 274 12.34 -1.61 -10.50
CA ASP A 274 13.60 -1.69 -9.77
C ASP A 274 13.68 -2.71 -8.64
N TYR A 275 12.66 -3.56 -8.49
CA TYR A 275 12.65 -4.59 -7.48
C TYR A 275 13.61 -5.70 -7.90
N GLU A 276 14.60 -6.00 -7.04
CA GLU A 276 15.52 -7.08 -7.29
C GLU A 276 14.86 -8.38 -6.85
N ILE A 277 14.66 -9.26 -7.84
CA ILE A 277 14.17 -10.60 -7.61
C ILE A 277 15.36 -11.47 -7.23
N LYS A 278 15.38 -11.86 -5.97
CA LYS A 278 16.43 -12.68 -5.38
C LYS A 278 15.74 -13.86 -4.67
N THR A 279 16.20 -15.07 -4.97
CA THR A 279 15.47 -16.26 -4.56
C THR A 279 15.17 -16.28 -3.08
N LEU A 280 13.93 -16.59 -2.72
CA LEU A 280 13.56 -16.70 -1.31
C LEU A 280 14.35 -17.84 -0.70
N GLN A 281 15.05 -17.55 0.41
CA GLN A 281 15.92 -18.57 0.95
C GLN A 281 15.15 -19.76 1.50
N ASN A 282 13.93 -19.52 1.97
CA ASN A 282 13.11 -20.64 2.44
C ASN A 282 12.53 -21.52 1.32
N CYS A 283 12.72 -21.08 0.08
CA CYS A 283 12.41 -21.92 -1.09
C CYS A 283 13.63 -22.61 -1.68
N VAL A 284 14.79 -22.48 -1.01
CA VAL A 284 16.03 -23.12 -1.42
C VAL A 284 16.32 -24.21 -0.40
N THR A 285 16.36 -25.45 -0.88
CA THR A 285 16.57 -26.62 -0.03
C THR A 285 17.53 -27.58 -0.73
N ALA A 286 17.93 -28.64 -0.03
CA ALA A 286 18.71 -29.72 -0.61
C ALA A 286 18.06 -30.31 -1.85
N GLU A 287 16.74 -30.50 -1.78
CA GLU A 287 16.00 -31.16 -2.89
C GLU A 287 15.63 -30.19 -4.00
N ASN A 288 15.60 -28.90 -3.66
CA ASN A 288 15.27 -27.84 -4.59
C ASN A 288 16.33 -26.75 -4.49
N PRO A 289 17.53 -27.01 -5.03
CA PRO A 289 18.58 -25.98 -4.99
C PRO A 289 18.21 -24.73 -5.76
N ASP A 290 18.92 -23.65 -5.46
CA ASP A 290 18.65 -22.37 -6.08
C ASP A 290 18.87 -22.43 -7.60
N ARG A 291 17.78 -22.22 -8.35
CA ARG A 291 17.85 -22.22 -9.81
C ARG A 291 18.29 -20.88 -10.37
N TYR A 292 18.38 -19.86 -9.50
CA TYR A 292 18.62 -18.50 -9.90
C TYR A 292 19.73 -17.84 -9.08
N PRO A 293 20.97 -18.35 -9.21
CA PRO A 293 22.04 -17.82 -8.38
C PRO A 293 22.36 -16.36 -8.67
N GLU A 294 22.03 -15.88 -9.88
CA GLU A 294 22.20 -14.48 -10.22
CA GLU A 294 22.20 -14.47 -10.22
C GLU A 294 20.84 -13.78 -10.15
N SER A 295 20.72 -12.81 -9.26
CA SER A 295 19.46 -12.08 -9.13
CA SER A 295 19.48 -12.04 -9.11
C SER A 295 19.25 -11.15 -10.32
N ILE A 296 18.05 -10.58 -10.43
CA ILE A 296 17.67 -9.80 -11.61
C ILE A 296 16.59 -8.82 -11.21
N THR A 297 16.60 -7.60 -11.75
CA THR A 297 15.50 -6.70 -11.44
C THR A 297 14.26 -7.15 -12.22
N ALA A 298 13.09 -6.77 -11.74
CA ALA A 298 11.86 -7.12 -12.46
C ALA A 298 11.89 -6.57 -13.87
N ASP A 299 12.41 -5.34 -14.07
CA ASP A 299 12.41 -4.79 -15.41
C ASP A 299 13.41 -5.51 -16.31
N GLU A 300 14.56 -5.90 -15.80
CA GLU A 300 15.54 -6.69 -16.55
CA GLU A 300 15.49 -6.65 -16.62
C GLU A 300 14.91 -8.01 -17.01
N PHE A 301 14.19 -8.64 -16.08
CA PHE A 301 13.52 -9.92 -16.34
C PHE A 301 12.42 -9.75 -17.39
N LEU A 302 11.66 -8.66 -17.26
CA LEU A 302 10.63 -8.32 -18.23
C LEU A 302 11.24 -8.20 -19.59
N GLN A 303 12.30 -7.41 -19.70
CA GLN A 303 12.93 -7.21 -21.00
C GLN A 303 13.45 -8.52 -21.57
N GLN A 304 14.06 -9.34 -20.71
CA GLN A 304 14.59 -10.64 -21.13
C GLN A 304 13.45 -11.55 -21.65
N ARG A 305 12.35 -11.66 -20.91
CA ARG A 305 11.26 -12.55 -21.35
CA ARG A 305 11.22 -12.50 -21.33
C ARG A 305 10.65 -12.09 -22.66
N LEU A 306 10.56 -10.78 -22.86
CA LEU A 306 10.01 -10.23 -24.09
C LEU A 306 10.96 -10.55 -25.25
N ARG A 307 12.27 -10.50 -25.01
CA ARG A 307 13.25 -10.87 -26.04
C ARG A 307 13.15 -12.35 -26.42
N GLU A 308 12.87 -13.19 -25.42
CA GLU A 308 12.77 -14.65 -25.61
C GLU A 308 11.46 -15.08 -26.26
N ILE A 309 10.36 -14.45 -25.83
CA ILE A 309 9.05 -14.58 -26.50
C ILE A 309 9.17 -14.25 -27.99
N LYS A 310 9.88 -13.15 -28.29
CA LYS A 310 10.03 -12.67 -29.67
C LYS A 310 11.18 -13.39 -30.38
N THR B 4 -7.24 8.50 35.95
CA THR B 4 -8.11 7.72 35.03
C THR B 4 -7.69 8.08 33.61
N SER B 5 -8.45 7.58 32.63
CA SER B 5 -8.25 7.99 31.24
C SER B 5 -9.54 8.47 30.65
N ALA B 6 -9.47 9.60 29.92
CA ALA B 6 -10.64 10.23 29.33
C ALA B 6 -11.16 9.56 28.07
N ILE B 7 -10.35 8.69 27.45
CA ILE B 7 -10.72 8.12 26.18
C ILE B 7 -10.71 6.59 26.27
N ASP B 8 -11.88 5.99 26.04
CA ASP B 8 -11.99 4.54 26.14
C ASP B 8 -11.35 3.92 24.90
N PRO B 9 -10.55 2.86 25.10
CA PRO B 9 -9.94 2.18 23.93
C PRO B 9 -10.97 1.51 22.99
N VAL B 10 -10.58 1.40 21.74
CA VAL B 10 -11.31 0.68 20.71
C VAL B 10 -10.40 -0.48 20.33
N SER B 11 -10.92 -1.71 20.37
CA SER B 11 -10.11 -2.89 20.06
C SER B 11 -9.80 -3.02 18.56
N PHE B 12 -8.51 -3.18 18.25
CA PHE B 12 -8.06 -3.46 16.89
C PHE B 12 -8.59 -4.82 16.40
N SER B 13 -9.03 -5.69 17.31
CA SER B 13 -9.65 -6.96 16.88
C SER B 13 -10.87 -6.71 16.00
N LEU B 14 -11.56 -5.57 16.15
CA LEU B 14 -12.68 -5.21 15.32
C LEU B 14 -12.33 -4.89 13.86
N TYR B 15 -11.07 -4.52 13.60
CA TYR B 15 -10.67 -4.16 12.24
C TYR B 15 -11.04 -5.33 11.31
N ALA B 16 -10.72 -6.56 11.72
CA ALA B 16 -11.10 -7.77 10.96
C ALA B 16 -12.49 -8.27 11.29
N LYS B 17 -12.87 -8.26 12.57
CA LYS B 17 -14.16 -8.87 12.99
C LYS B 17 -15.42 -8.09 12.60
N ASP B 18 -15.34 -6.75 12.66
CA ASP B 18 -16.48 -5.86 12.44
C ASP B 18 -15.92 -4.51 12.04
N PHE B 19 -15.37 -4.43 10.82
CA PHE B 19 -14.72 -3.20 10.38
C PHE B 19 -15.65 -2.00 10.45
N THR B 20 -16.92 -2.17 10.10
CA THR B 20 -17.88 -1.05 10.18
C THR B 20 -17.94 -0.41 11.58
N ARG B 21 -18.01 -1.27 12.59
CA ARG B 21 -18.02 -0.83 13.98
C ARG B 21 -16.68 -0.18 14.35
N PHE B 22 -15.59 -0.81 13.92
CA PHE B 22 -14.26 -0.25 14.12
C PHE B 22 -14.16 1.19 13.63
N ALA B 23 -14.62 1.43 12.41
CA ALA B 23 -14.51 2.74 11.79
C ALA B 23 -15.38 3.77 12.53
N GLN B 24 -16.59 3.35 12.93
CA GLN B 24 -17.48 4.24 13.68
C GLN B 24 -16.90 4.63 15.04
N GLU B 25 -16.41 3.65 15.79
CA GLU B 25 -15.92 3.89 17.14
C GLU B 25 -14.62 4.70 17.13
N LEU B 26 -13.70 4.34 16.23
CA LEU B 26 -12.44 5.09 16.12
CA LEU B 26 -12.45 5.07 16.15
C LEU B 26 -12.71 6.48 15.63
N GLY B 27 -13.51 6.59 14.57
CA GLY B 27 -13.85 7.87 13.99
C GLY B 27 -14.52 8.84 14.94
N ALA B 28 -15.49 8.31 15.70
CA ALA B 28 -16.18 9.14 16.68
C ALA B 28 -15.22 9.68 17.72
N SER B 29 -14.25 8.87 18.15
CA SER B 29 -13.25 9.33 19.10
C SER B 29 -12.39 10.46 18.51
N PHE B 30 -11.91 10.27 17.28
CA PHE B 30 -11.13 11.30 16.66
C PHE B 30 -11.93 12.61 16.48
N GLU B 31 -13.18 12.49 16.07
CA GLU B 31 -14.02 13.68 15.85
C GLU B 31 -14.22 14.46 17.15
N ARG B 32 -14.38 13.73 18.25
CA ARG B 32 -14.67 14.38 19.54
C ARG B 32 -13.43 15.01 20.16
N TYR B 33 -12.32 14.26 20.18
CA TYR B 33 -11.14 14.66 20.93
C TYR B 33 -9.87 14.96 20.13
N GLY B 34 -9.87 14.59 18.84
CA GLY B 34 -8.66 14.59 18.04
C GLY B 34 -7.72 13.42 18.29
N PHE B 35 -8.15 12.51 19.16
CA PHE B 35 -7.35 11.39 19.63
C PHE B 35 -8.25 10.11 19.71
N ALA B 36 -7.59 8.98 19.58
CA ALA B 36 -8.18 7.67 19.84
C ALA B 36 -7.14 6.80 20.51
N VAL B 37 -7.63 5.82 21.27
CA VAL B 37 -6.80 4.82 21.91
C VAL B 37 -7.14 3.48 21.27
N LEU B 38 -6.14 2.80 20.73
CA LEU B 38 -6.33 1.52 20.06
C LEU B 38 -5.70 0.40 20.89
N SER B 39 -6.53 -0.55 21.34
CA SER B 39 -6.04 -1.70 22.10
C SER B 39 -5.88 -2.92 21.19
N ASP B 40 -5.29 -3.99 21.71
CA ASP B 40 -5.26 -5.30 21.04
C ASP B 40 -4.59 -5.19 19.66
N TYR B 41 -3.50 -4.45 19.58
CA TYR B 41 -2.79 -4.34 18.32
C TYR B 41 -2.12 -5.69 18.01
N ASP B 42 -1.79 -5.92 16.75
CA ASP B 42 -1.20 -7.22 16.37
C ASP B 42 0.30 -7.11 16.06
N LEU B 43 0.86 -5.95 16.38
CA LEU B 43 2.30 -5.75 16.25
CA LEU B 43 2.31 -5.76 16.23
C LEU B 43 3.02 -6.74 17.16
N ASP B 44 4.07 -7.36 16.64
CA ASP B 44 4.88 -8.31 17.41
C ASP B 44 5.59 -7.56 18.54
N GLN B 45 5.18 -7.83 19.78
CA GLN B 45 5.71 -7.11 20.92
C GLN B 45 7.21 -7.33 21.11
N ALA B 46 7.70 -8.53 20.83
CA ALA B 46 9.14 -8.75 20.93
C ALA B 46 9.96 -7.87 19.98
N ARG B 47 9.43 -7.58 18.79
CA ARG B 47 10.12 -6.73 17.82
CA ARG B 47 10.11 -6.74 17.81
C ARG B 47 9.97 -5.27 18.19
N ILE B 48 8.84 -4.89 18.77
CA ILE B 48 8.74 -3.51 19.33
C ILE B 48 9.86 -3.33 20.37
N ASP B 49 9.96 -4.32 21.26
CA ASP B 49 10.89 -4.26 22.38
C ASP B 49 12.33 -4.26 21.87
N ALA B 50 12.60 -5.01 20.81
CA ALA B 50 13.93 -4.98 20.18
C ALA B 50 14.30 -3.58 19.65
N ALA B 51 13.33 -2.92 19.02
CA ALA B 51 13.55 -1.55 18.53
C ALA B 51 13.83 -0.60 19.73
N VAL B 52 13.05 -0.73 20.80
CA VAL B 52 13.23 0.13 21.97
C VAL B 52 14.60 -0.17 22.59
N ASP B 53 14.97 -1.45 22.69
CA ASP B 53 16.28 -1.81 23.21
C ASP B 53 17.41 -1.18 22.37
N SER B 54 17.26 -1.16 21.05
CA SER B 54 18.26 -0.54 20.19
C SER B 54 18.32 0.97 20.46
N ALA B 55 17.16 1.59 20.66
CA ALA B 55 17.11 3.03 21.00
C ALA B 55 17.85 3.29 22.31
N LYS B 56 17.57 2.46 23.32
CA LYS B 56 18.22 2.60 24.63
C LYS B 56 19.74 2.41 24.52
N ALA B 57 20.14 1.41 23.75
CA ALA B 57 21.56 1.17 23.54
C ALA B 57 22.24 2.35 22.82
N PHE B 58 21.56 2.90 21.82
CA PHE B 58 22.10 4.08 21.14
C PHE B 58 22.29 5.24 22.12
N PHE B 59 21.26 5.57 22.88
CA PHE B 59 21.37 6.72 23.76
C PHE B 59 22.38 6.55 24.89
N ALA B 60 22.70 5.29 25.24
CA ALA B 60 23.73 5.00 26.23
C ALA B 60 25.17 5.18 25.72
N LEU B 61 25.35 5.33 24.41
CA LEU B 61 26.67 5.60 23.86
C LEU B 61 27.24 6.91 24.33
N PRO B 62 28.58 7.03 24.31
CA PRO B 62 29.21 8.31 24.67
C PRO B 62 28.71 9.46 23.79
N VAL B 63 28.68 10.67 24.36
CA VAL B 63 28.15 11.85 23.66
CA VAL B 63 28.12 11.81 23.65
C VAL B 63 28.85 12.07 22.33
N GLU B 64 30.17 11.96 22.33
CA GLU B 64 30.92 12.21 21.08
C GLU B 64 30.61 11.16 20.00
N THR B 65 30.29 9.95 20.43
CA THR B 65 29.87 8.90 19.52
C THR B 65 28.51 9.21 18.92
N LYS B 66 27.58 9.67 19.75
CA LYS B 66 26.26 10.00 19.27
C LYS B 66 26.31 11.19 18.32
N LYS B 67 27.21 12.12 18.61
CA LYS B 67 27.32 13.38 17.83
C LYS B 67 27.90 13.16 16.44
N GLN B 68 28.47 11.98 16.19
CA GLN B 68 28.85 11.64 14.81
C GLN B 68 27.65 11.76 13.85
N TYR B 69 26.44 11.53 14.41
CA TYR B 69 25.19 11.47 13.67
C TYR B 69 24.33 12.75 13.78
N ALA B 70 24.95 13.81 14.33
CA ALA B 70 24.32 15.12 14.47
C ALA B 70 24.55 15.93 13.23
N GLY B 71 23.76 16.97 13.05
CA GLY B 71 24.08 17.95 12.04
C GLY B 71 23.72 17.58 10.61
N VAL B 72 22.82 16.62 10.40
CA VAL B 72 22.42 16.25 9.03
C VAL B 72 21.59 17.37 8.43
N LYS B 73 21.80 17.66 7.13
CA LYS B 73 21.01 18.68 6.44
C LYS B 73 19.52 18.41 6.62
N GLY B 74 18.78 19.45 6.98
CA GLY B 74 17.35 19.36 7.21
C GLY B 74 16.94 19.17 8.64
N GLY B 75 17.87 18.68 9.47
CA GLY B 75 17.57 18.50 10.89
C GLY B 75 16.54 17.45 11.28
N ALA B 76 16.26 16.49 10.40
CA ALA B 76 15.21 15.53 10.62
C ALA B 76 15.68 14.09 10.35
N ARG B 77 17.00 13.87 10.38
CA ARG B 77 17.58 12.53 10.29
C ARG B 77 18.76 12.48 11.24
N GLY B 78 18.84 11.44 12.04
CA GLY B 78 19.95 11.26 12.96
C GLY B 78 19.74 11.89 14.32
N TYR B 79 20.84 12.28 14.94
CA TYR B 79 20.89 12.63 16.34
C TYR B 79 20.75 14.12 16.59
N ILE B 80 19.94 14.49 17.59
CA ILE B 80 19.87 15.86 18.10
C ILE B 80 20.27 15.81 19.59
N PRO B 81 21.31 16.54 19.94
CA PRO B 81 21.79 16.55 21.32
C PRO B 81 20.92 17.39 22.26
N PHE B 82 21.23 17.25 23.54
CA PHE B 82 20.68 18.14 24.55
C PHE B 82 20.93 19.60 24.21
N GLY B 83 19.96 20.43 24.56
CA GLY B 83 20.03 21.86 24.27
C GLY B 83 19.28 22.65 25.33
N VAL B 84 19.18 23.95 25.13
CA VAL B 84 18.62 24.87 26.11
C VAL B 84 17.48 25.69 25.51
N GLU B 85 16.40 25.87 26.26
CA GLU B 85 15.30 26.77 25.89
C GLU B 85 15.52 28.13 26.56
N THR B 86 15.75 29.15 25.74
CA THR B 86 16.09 30.49 26.24
C THR B 86 14.91 31.28 26.86
N ALA B 87 13.68 30.95 26.46
CA ALA B 87 12.49 31.72 26.86
C ALA B 87 12.24 31.74 28.37
N LYS B 88 11.73 32.88 28.86
CA LYS B 88 11.32 33.02 30.26
C LYS B 88 10.16 32.07 30.55
N GLY B 89 10.13 31.52 31.76
CA GLY B 89 9.14 30.52 32.13
C GLY B 89 9.52 29.09 31.78
N ALA B 90 10.63 28.92 31.06
CA ALA B 90 11.14 27.59 30.74
C ALA B 90 11.81 27.02 31.98
N ASP B 91 11.77 25.70 32.15
CA ASP B 91 12.55 25.09 33.19
C ASP B 91 14.05 25.37 32.93
N HIS B 92 14.81 25.49 34.01
CA HIS B 92 16.26 25.60 33.90
C HIS B 92 16.81 24.43 33.09
N TYR B 93 16.31 23.24 33.41
CA TYR B 93 16.67 22.02 32.70
C TYR B 93 15.47 21.52 31.90
N ASP B 94 15.68 21.25 30.62
CA ASP B 94 14.71 20.49 29.83
C ASP B 94 15.56 19.65 28.89
N LEU B 95 16.07 18.56 29.47
CA LEU B 95 17.10 17.74 28.85
C LEU B 95 16.46 16.56 28.15
N LYS B 96 16.50 16.58 26.82
CA LYS B 96 15.96 15.52 26.01
CA LYS B 96 16.03 15.46 26.06
C LYS B 96 16.85 15.39 24.78
N GLU B 97 17.05 14.19 24.29
CA GLU B 97 17.82 13.95 23.07
C GLU B 97 17.01 13.10 22.12
N PHE B 98 17.26 13.25 20.81
CA PHE B 98 16.42 12.67 19.78
C PHE B 98 17.26 11.85 18.79
N TRP B 99 16.61 10.84 18.23
CA TRP B 99 17.02 10.22 16.97
C TRP B 99 15.84 10.24 16.03
N HIS B 100 16.01 10.71 14.80
CA HIS B 100 14.96 10.63 13.80
C HIS B 100 15.34 9.72 12.62
N MSE B 101 14.41 8.86 12.27
CA MSE B 101 14.47 8.02 11.07
C MSE B 101 13.39 8.50 10.13
O MSE B 101 12.23 8.55 10.52
CB MSE B 101 14.26 6.53 11.41
CG MSE B 101 14.37 5.69 10.22
SE MSE B 101 13.84 3.90 10.50
CE MSE B 101 13.46 3.52 8.60
N GLY B 102 13.80 8.85 8.91
CA GLY B 102 12.87 9.16 7.83
C GLY B 102 12.69 7.99 6.90
N ARG B 103 12.03 8.23 5.77
CA ARG B 103 11.79 7.16 4.82
C ARG B 103 13.06 6.85 4.03
N ASP B 104 13.34 5.56 3.85
CA ASP B 104 14.37 5.08 2.96
C ASP B 104 13.75 5.05 1.56
N LEU B 105 14.22 5.94 0.71
CA LEU B 105 13.72 6.01 -0.66
C LEU B 105 14.60 5.19 -1.58
N PRO B 106 13.99 4.61 -2.63
CA PRO B 106 14.84 3.98 -3.63
C PRO B 106 15.76 4.95 -4.35
N PRO B 107 16.88 4.45 -4.90
CA PRO B 107 17.71 5.25 -5.74
C PRO B 107 16.91 5.93 -6.85
N GLY B 108 17.20 7.20 -7.07
CA GLY B 108 16.58 8.01 -8.10
C GLY B 108 15.21 8.58 -7.79
N HIS B 109 14.66 8.28 -6.63
CA HIS B 109 13.33 8.77 -6.26
C HIS B 109 13.21 10.29 -6.38
N ARG B 110 12.09 10.77 -6.91
CA ARG B 110 11.87 12.20 -7.12
C ARG B 110 11.92 13.02 -5.85
N PHE B 111 11.57 12.41 -4.71
CA PHE B 111 11.60 13.15 -3.44
C PHE B 111 12.98 13.33 -2.85
N ARG B 112 14.01 12.67 -3.39
CA ARG B 112 15.37 12.84 -2.87
C ARG B 112 15.87 14.29 -2.91
N ALA B 113 15.28 15.12 -3.76
CA ALA B 113 15.59 16.54 -3.83
C ALA B 113 15.27 17.28 -2.53
N HIS B 114 14.38 16.73 -1.69
CA HIS B 114 13.99 17.40 -0.42
C HIS B 114 13.92 16.53 0.81
N MSE B 115 14.13 15.22 0.68
CA MSE B 115 14.12 14.28 1.79
C MSE B 115 15.50 13.67 1.92
O MSE B 115 15.98 12.99 0.99
CB MSE B 115 13.07 13.21 1.54
CG MSE B 115 11.69 13.66 1.82
SE MSE B 115 10.25 12.51 1.25
CE MSE B 115 10.70 10.95 2.29
N ALA B 116 16.18 13.93 3.05
CA ALA B 116 17.54 13.50 3.22
C ALA B 116 17.64 12.01 3.51
N ASP B 117 18.76 11.40 3.16
CA ASP B 117 19.03 10.03 3.43
C ASP B 117 19.10 9.83 4.96
N ASN B 118 18.71 8.63 5.42
CA ASN B 118 18.95 8.23 6.79
C ASN B 118 20.44 8.06 7.05
N VAL B 119 20.80 8.24 8.30
CA VAL B 119 22.09 7.80 8.85
C VAL B 119 21.80 6.66 9.85
N TRP B 120 22.83 5.91 10.23
CA TRP B 120 22.65 4.73 11.08
C TRP B 120 23.80 4.61 12.04
N PRO B 121 23.53 4.20 13.30
CA PRO B 121 24.64 4.15 14.26
C PRO B 121 25.41 2.83 14.12
N ALA B 122 26.59 2.91 13.53
CA ALA B 122 27.41 1.72 13.27
C ALA B 122 27.71 0.92 14.54
N GLU B 123 27.77 1.64 15.67
CA GLU B 123 28.12 1.08 16.97
C GLU B 123 27.03 0.15 17.56
N ILE B 124 25.80 0.26 17.06
CA ILE B 124 24.66 -0.55 17.47
C ILE B 124 24.25 -1.40 16.26
N PRO B 125 24.86 -2.60 16.11
CA PRO B 125 24.65 -3.30 14.84
C PRO B 125 23.21 -3.66 14.44
N ALA B 126 22.37 -3.97 15.42
CA ALA B 126 20.97 -4.37 15.20
C ALA B 126 20.03 -3.16 14.98
N PHE B 127 20.54 -1.97 15.16
CA PHE B 127 19.65 -0.78 15.14
C PHE B 127 18.92 -0.61 13.81
N LYS B 128 19.64 -0.61 12.69
CA LYS B 128 18.98 -0.41 11.42
C LYS B 128 17.83 -1.40 11.21
N HIS B 129 18.11 -2.68 11.40
CA HIS B 129 17.07 -3.69 11.25
C HIS B 129 15.89 -3.47 12.21
N ASP B 130 16.19 -3.33 13.50
CA ASP B 130 15.13 -3.33 14.50
C ASP B 130 14.30 -2.05 14.42
N VAL B 131 14.96 -0.93 14.24
CA VAL B 131 14.30 0.39 14.17
C VAL B 131 13.55 0.53 12.83
N SER B 132 14.12 0.01 11.74
CA SER B 132 13.37 0.03 10.48
C SER B 132 12.09 -0.81 10.55
N TRP B 133 12.13 -1.95 11.24
CA TRP B 133 10.96 -2.77 11.40
C TRP B 133 9.86 -1.95 12.10
N LEU B 134 10.24 -1.20 13.13
CA LEU B 134 9.27 -0.40 13.85
C LEU B 134 8.67 0.70 12.98
N TYR B 135 9.52 1.39 12.21
CA TYR B 135 9.09 2.42 11.26
C TYR B 135 7.99 1.84 10.32
N ASN B 136 8.31 0.70 9.72
CA ASN B 136 7.36 0.14 8.75
C ASN B 136 6.13 -0.46 9.40
N SER B 137 6.25 -0.99 10.62
CA SER B 137 5.12 -1.57 11.31
CA SER B 137 5.14 -1.58 11.34
C SER B 137 4.14 -0.49 11.72
N LEU B 138 4.66 0.62 12.23
CA LEU B 138 3.78 1.74 12.62
C LEU B 138 3.18 2.43 11.38
N ASP B 139 3.95 2.53 10.30
CA ASP B 139 3.42 3.08 9.06
C ASP B 139 2.29 2.20 8.57
N GLY B 140 2.49 0.88 8.64
CA GLY B 140 1.41 -0.04 8.22
C GLY B 140 0.16 0.02 9.07
N MSE B 141 0.35 0.11 10.38
CA MSE B 141 -0.79 0.25 11.27
C MSE B 141 -1.49 1.57 11.03
O MSE B 141 -2.71 1.68 11.01
CB MSE B 141 -0.35 0.11 12.73
CG MSE B 141 -1.51 0.36 13.66
SE MSE B 141 -3.04 -0.83 13.41
CE MSE B 141 -2.47 -2.23 14.63
N GLY B 142 -0.70 2.63 10.77
CA GLY B 142 -1.28 3.94 10.42
C GLY B 142 -2.15 3.88 9.16
N GLY B 143 -1.73 3.07 8.20
CA GLY B 143 -2.58 2.88 7.00
C GLY B 143 -3.91 2.25 7.34
N LYS B 144 -3.90 1.26 8.23
CA LYS B 144 -5.12 0.57 8.64
C LYS B 144 -6.04 1.52 9.43
N VAL B 145 -5.46 2.34 10.30
CA VAL B 145 -6.23 3.37 10.99
C VAL B 145 -6.85 4.34 9.99
N LEU B 146 -6.08 4.73 8.96
CA LEU B 146 -6.57 5.59 7.88
C LEU B 146 -7.73 4.96 7.07
N GLU B 147 -7.71 3.65 6.90
CA GLU B 147 -8.88 2.97 6.28
C GLU B 147 -10.14 3.22 7.11
N ALA B 148 -10.01 3.10 8.43
CA ALA B 148 -11.12 3.33 9.35
C ALA B 148 -11.59 4.78 9.25
N ILE B 149 -10.64 5.72 9.21
CA ILE B 149 -10.96 7.14 9.09
C ILE B 149 -11.69 7.45 7.77
N ALA B 150 -11.18 6.85 6.69
CA ALA B 150 -11.80 6.98 5.35
C ALA B 150 -13.27 6.57 5.37
N THR B 151 -13.53 5.40 5.94
CA THR B 151 -14.89 4.84 6.03
C THR B 151 -15.76 5.69 6.91
N TYR B 152 -15.22 6.20 8.01
CA TYR B 152 -15.97 7.09 8.88
C TYR B 152 -16.39 8.36 8.15
N LEU B 153 -15.49 8.89 7.33
CA LEU B 153 -15.76 10.06 6.53
C LEU B 153 -16.59 9.79 5.24
N LYS B 154 -17.05 8.54 5.08
CA LYS B 154 -17.88 8.13 3.93
C LYS B 154 -17.14 8.20 2.59
N LEU B 155 -15.86 7.89 2.66
CA LEU B 155 -14.99 7.80 1.51
C LEU B 155 -14.78 6.31 1.25
N GLU B 156 -14.22 6.01 0.08
CA GLU B 156 -13.76 4.66 -0.24
C GLU B 156 -12.77 4.21 0.84
N ARG B 157 -12.81 2.94 1.20
CA ARG B 157 -11.97 2.46 2.28
C ARG B 157 -10.48 2.64 1.99
N ASP B 158 -10.09 2.51 0.73
CA ASP B 158 -8.70 2.71 0.34
C ASP B 158 -8.31 4.15 -0.06
N PHE B 159 -9.15 5.12 0.30
CA PHE B 159 -8.96 6.52 -0.12
C PHE B 159 -7.55 7.00 0.17
N PHE B 160 -7.02 6.67 1.35
CA PHE B 160 -5.71 7.25 1.74
C PHE B 160 -4.53 6.56 1.14
N LYS B 161 -4.71 5.39 0.54
CA LYS B 161 -3.56 4.61 0.08
C LYS B 161 -2.57 5.44 -0.77
N PRO B 162 -3.04 6.08 -1.88
CA PRO B 162 -2.09 6.85 -2.70
C PRO B 162 -1.55 8.09 -1.97
N THR B 163 -2.33 8.63 -1.04
CA THR B 163 -2.00 9.88 -0.40
C THR B 163 -0.82 9.76 0.54
N VAL B 164 -0.55 8.56 1.05
CA VAL B 164 0.50 8.33 2.03
C VAL B 164 1.64 7.49 1.49
N GLN B 165 1.52 7.08 0.24
CA GLN B 165 2.62 6.36 -0.41
C GLN B 165 3.87 7.25 -0.47
N ASP B 166 4.97 6.67 -0.05
CA ASP B 166 6.26 7.35 0.05
C ASP B 166 6.15 8.61 0.90
N GLY B 167 5.19 8.61 1.84
CA GLY B 167 4.99 9.76 2.70
C GLY B 167 6.26 10.13 3.49
N ASN B 168 6.40 11.40 3.83
CA ASN B 168 7.62 11.92 4.47
C ASN B 168 7.56 11.69 5.98
N SER B 169 7.31 10.44 6.35
CA SER B 169 7.00 10.09 7.73
C SER B 169 8.26 9.90 8.55
N VAL B 170 8.16 10.17 9.85
CA VAL B 170 9.36 10.17 10.70
C VAL B 170 9.08 9.38 11.97
N LEU B 171 9.96 8.42 12.26
CA LEU B 171 9.95 7.71 13.53
C LEU B 171 10.92 8.47 14.42
N ARG B 172 10.44 8.98 15.55
CA ARG B 172 11.23 9.67 16.52
C ARG B 172 11.51 8.76 17.70
N LEU B 173 12.78 8.68 18.08
CA LEU B 173 13.21 8.05 19.33
C LEU B 173 13.62 9.18 20.24
N LEU B 174 12.99 9.29 21.42
CA LEU B 174 13.17 10.42 22.32
C LEU B 174 13.56 9.87 23.69
N HIS B 175 14.57 10.47 24.28
CA HIS B 175 15.05 10.09 25.60
C HIS B 175 15.15 11.26 26.51
N TYR B 176 14.52 11.16 27.69
CA TYR B 176 14.73 12.09 28.80
C TYR B 176 15.56 11.40 29.88
N PRO B 177 16.83 11.81 30.04
CA PRO B 177 17.61 11.19 31.11
C PRO B 177 17.08 11.56 32.46
N PRO B 178 17.35 10.70 33.46
CA PRO B 178 16.92 11.02 34.79
C PRO B 178 17.75 12.18 35.33
N ILE B 179 17.05 13.09 35.97
CA ILE B 179 17.64 14.25 36.63
CA ILE B 179 17.67 14.22 36.64
C ILE B 179 17.05 14.29 38.03
N PRO B 180 17.88 14.46 39.08
CA PRO B 180 17.33 14.46 40.46
C PRO B 180 16.74 15.82 40.85
N LYS B 181 15.72 16.20 40.10
N LYS B 181 15.72 16.22 40.09
CA LYS B 181 15.06 17.50 40.19
CA LYS B 181 15.05 17.51 40.23
C LYS B 181 13.70 17.40 39.52
C LYS B 181 13.72 17.44 39.50
N ASP B 182 12.70 18.06 40.09
CA ASP B 182 11.35 18.09 39.52
C ASP B 182 11.17 19.24 38.53
N ALA B 183 10.49 18.96 37.40
CA ALA B 183 10.07 20.01 36.47
C ALA B 183 8.83 20.71 37.05
N THR B 184 8.75 22.03 36.86
CA THR B 184 7.63 22.84 37.35
C THR B 184 7.19 23.84 36.27
N VAL B 186 3.91 21.10 31.78
CA VAL B 186 4.70 20.95 30.55
C VAL B 186 6.07 20.32 30.80
N ARG B 187 6.13 18.98 30.66
CA ARG B 187 7.40 18.24 30.43
C ARG B 187 7.64 18.26 28.92
N ALA B 188 6.56 18.05 28.17
CA ALA B 188 6.47 18.43 26.76
C ALA B 188 5.46 19.57 26.68
N GLY B 189 5.95 20.76 26.35
CA GLY B 189 5.12 21.95 26.23
C GLY B 189 3.98 21.70 25.28
N ALA B 190 2.86 22.38 25.54
CA ALA B 190 1.63 22.19 24.80
C ALA B 190 1.86 22.49 23.30
N HIS B 191 1.36 21.61 22.42
CA HIS B 191 1.54 21.78 20.97
C HIS B 191 0.53 20.94 20.21
N GLY B 192 0.38 21.19 18.91
CA GLY B 192 -0.37 20.28 18.01
C GLY B 192 0.65 19.69 17.03
N ASP B 193 0.26 18.61 16.37
CA ASP B 193 1.10 18.00 15.33
C ASP B 193 0.68 18.50 13.95
N ILE B 194 1.67 18.66 13.06
CA ILE B 194 1.45 19.23 11.74
C ILE B 194 1.14 18.23 10.64
N ASN B 195 1.33 16.95 10.92
CA ASN B 195 1.30 15.87 9.97
C ASN B 195 -0.10 15.28 9.78
N THR B 196 -0.20 14.03 9.32
CA THR B 196 -1.50 13.39 9.04
C THR B 196 -2.09 12.75 10.29
N ILE B 197 -1.44 11.67 10.78
CA ILE B 197 -1.74 11.12 12.09
C ILE B 197 -0.43 10.74 12.76
N THR B 198 -0.42 10.79 14.09
CA THR B 198 0.69 10.33 14.90
C THR B 198 0.28 9.13 15.76
N LEU B 199 1.15 8.10 15.77
CA LEU B 199 0.93 6.87 16.51
C LEU B 199 1.96 6.71 17.62
N LEU B 200 1.46 6.55 18.85
CA LEU B 200 2.31 6.52 20.05
C LEU B 200 2.10 5.25 20.89
N LEU B 201 3.13 4.42 20.92
CA LEU B 201 3.20 3.30 21.87
C LEU B 201 3.63 3.79 23.24
N GLY B 202 3.37 2.95 24.23
CA GLY B 202 3.97 3.09 25.56
C GLY B 202 3.53 4.30 26.36
N ALA B 203 2.32 4.82 26.11
CA ALA B 203 1.83 6.00 26.80
C ALA B 203 1.25 5.71 28.20
N GLU B 204 1.17 4.43 28.58
CA GLU B 204 0.67 4.09 29.90
C GLU B 204 1.42 4.82 31.02
N GLU B 205 0.66 5.44 31.92
CA GLU B 205 1.19 6.25 33.02
C GLU B 205 2.26 7.27 32.57
N GLY B 206 2.11 7.81 31.36
CA GLY B 206 3.10 8.71 30.79
C GLY B 206 2.85 10.21 30.92
N GLY B 207 1.69 10.61 31.45
CA GLY B 207 1.33 12.01 31.63
C GLY B 207 0.82 12.76 30.42
N LEU B 208 0.39 12.01 29.41
CA LEU B 208 -0.19 12.64 28.22
C LEU B 208 -1.55 13.21 28.54
N GLU B 209 -1.81 14.44 28.09
CA GLU B 209 -3.10 15.11 28.29
C GLU B 209 -3.48 15.84 27.01
N VAL B 210 -4.78 15.83 26.70
CA VAL B 210 -5.31 16.60 25.57
C VAL B 210 -6.17 17.75 26.10
N LEU B 211 -6.04 18.92 25.45
CA LEU B 211 -6.85 20.07 25.80
C LEU B 211 -8.24 19.88 25.20
N ASP B 212 -9.27 19.77 26.05
CA ASP B 212 -10.65 19.64 25.58
C ASP B 212 -11.16 21.01 25.11
N ARG B 213 -12.32 20.98 24.45
CA ARG B 213 -12.96 22.16 23.89
C ARG B 213 -13.20 23.24 24.94
N ASP B 214 -13.51 22.83 26.18
CA ASP B 214 -13.81 23.78 27.22
C ASP B 214 -12.57 24.23 28.00
N GLY B 215 -11.38 23.84 27.53
CA GLY B 215 -10.10 24.28 28.13
C GLY B 215 -9.59 23.46 29.32
N GLN B 216 -10.28 22.36 29.62
CA GLN B 216 -9.78 21.40 30.61
C GLN B 216 -8.79 20.45 29.97
N TRP B 217 -7.73 20.16 30.68
CA TRP B 217 -6.76 19.14 30.27
C TRP B 217 -7.28 17.75 30.69
N LEU B 218 -7.43 16.86 29.71
CA LEU B 218 -7.96 15.50 29.94
C LEU B 218 -6.83 14.49 29.86
N PRO B 219 -6.69 13.62 30.87
CA PRO B 219 -5.63 12.62 30.78
C PRO B 219 -5.93 11.53 29.77
N ILE B 220 -4.89 11.20 29.01
CA ILE B 220 -4.92 10.03 28.15
C ILE B 220 -3.90 9.07 28.74
N ASN B 221 -4.43 8.11 29.50
CA ASN B 221 -3.62 7.17 30.22
C ASN B 221 -4.08 5.74 29.88
N PRO B 222 -3.61 5.20 28.78
CA PRO B 222 -4.13 3.91 28.32
C PRO B 222 -3.57 2.74 29.13
N PRO B 223 -4.27 1.59 29.05
CA PRO B 223 -3.62 0.38 29.53
C PRO B 223 -2.35 0.09 28.73
N PRO B 224 -1.43 -0.72 29.27
CA PRO B 224 -0.33 -1.22 28.46
C PRO B 224 -0.82 -1.92 27.19
N GLY B 225 0.03 -1.93 26.17
CA GLY B 225 -0.31 -2.61 24.92
C GLY B 225 -1.29 -1.89 24.03
N CYS B 226 -1.28 -0.55 24.07
CA CYS B 226 -2.14 0.23 23.19
C CYS B 226 -1.34 1.20 22.37
N LEU B 227 -1.98 1.71 21.32
CA LEU B 227 -1.50 2.86 20.57
C LEU B 227 -2.40 4.05 20.82
N VAL B 228 -1.78 5.20 21.13
CA VAL B 228 -2.51 6.47 21.20
C VAL B 228 -2.29 7.19 19.88
N ILE B 229 -3.38 7.55 19.19
CA ILE B 229 -3.30 8.07 17.84
C ILE B 229 -3.98 9.41 17.84
N ASN B 230 -3.33 10.40 17.24
CA ASN B 230 -3.95 11.72 17.06
C ASN B 230 -3.93 12.21 15.64
N ILE B 231 -4.97 12.99 15.34
CA ILE B 231 -5.12 13.72 14.09
C ILE B 231 -4.11 14.85 14.05
N GLY B 232 -3.47 15.03 12.90
CA GLY B 232 -2.57 16.16 12.69
C GLY B 232 -3.12 17.22 11.72
N ASP B 233 -2.41 18.34 11.62
CA ASP B 233 -2.92 19.51 10.87
C ASP B 233 -3.21 19.18 9.39
N MSE B 234 -2.44 18.30 8.76
CA MSE B 234 -2.69 17.96 7.33
CA MSE B 234 -2.67 17.96 7.34
C MSE B 234 -4.06 17.34 7.17
O MSE B 234 -4.78 17.65 6.20
CB MSE B 234 -1.62 17.01 6.78
CB MSE B 234 -1.63 16.95 6.81
CG MSE B 234 -0.29 17.63 6.53
CG MSE B 234 -0.18 17.37 7.00
SE MSE B 234 1.04 16.28 6.06
SE MSE B 234 0.74 18.04 5.43
CE MSE B 234 2.54 17.42 5.89
CE MSE B 234 2.47 18.28 6.28
N LEU B 235 -4.42 16.42 8.07
CA LEU B 235 -5.69 15.71 7.98
C LEU B 235 -6.83 16.60 8.42
N GLU B 236 -6.62 17.40 9.46
CA GLU B 236 -7.60 18.41 9.86
C GLU B 236 -7.94 19.29 8.64
N ARG B 237 -6.92 19.77 7.95
CA ARG B 237 -7.19 20.65 6.80
C ARG B 237 -7.96 19.92 5.68
N LEU B 238 -7.54 18.70 5.36
CA LEU B 238 -8.20 17.93 4.31
C LEU B 238 -9.70 17.81 4.62
N THR B 239 -10.02 17.57 5.90
CA THR B 239 -11.42 17.33 6.31
C THR B 239 -12.20 18.61 6.64
N ASN B 240 -11.69 19.78 6.25
CA ASN B 240 -12.35 21.06 6.57
C ASN B 240 -12.66 21.16 8.06
N ASN B 241 -11.69 20.69 8.85
CA ASN B 241 -11.75 20.71 10.31
C ASN B 241 -12.80 19.81 10.94
N VAL B 242 -13.41 18.91 10.16
CA VAL B 242 -14.33 17.93 10.73
C VAL B 242 -13.60 17.04 11.76
N LEU B 243 -12.40 16.60 11.43
CA LEU B 243 -11.54 15.92 12.38
C LEU B 243 -10.50 16.93 12.90
N PRO B 244 -10.55 17.24 14.20
CA PRO B 244 -9.71 18.29 14.73
C PRO B 244 -8.30 17.81 15.08
N SER B 245 -7.31 18.66 14.79
CA SER B 245 -5.95 18.48 15.31
C SER B 245 -5.82 19.24 16.61
N THR B 246 -5.72 18.50 17.71
CA THR B 246 -5.91 19.08 19.03
C THR B 246 -4.58 19.30 19.76
N VAL B 247 -4.62 20.20 20.74
CA VAL B 247 -3.46 20.58 21.53
C VAL B 247 -3.26 19.58 22.65
N HIS B 248 -2.01 19.16 22.82
CA HIS B 248 -1.66 18.17 23.83
C HIS B 248 -0.35 18.49 24.50
N ARG B 249 -0.12 17.90 25.67
CA ARG B 249 1.10 18.11 26.42
C ARG B 249 1.40 16.84 27.17
N VAL B 250 2.61 16.77 27.75
CA VAL B 250 2.96 15.69 28.65
C VAL B 250 3.33 16.35 29.96
N VAL B 251 2.56 16.07 31.00
CA VAL B 251 2.78 16.77 32.27
C VAL B 251 4.11 16.35 32.85
N ASN B 252 4.70 17.31 33.57
CA ASN B 252 5.89 17.08 34.36
C ASN B 252 5.65 15.81 35.17
N PRO B 253 6.55 14.81 35.07
CA PRO B 253 6.29 13.62 35.90
C PRO B 253 6.34 13.96 37.41
N PRO B 254 5.61 13.19 38.23
CA PRO B 254 5.50 13.53 39.64
C PRO B 254 6.83 13.33 40.40
N PRO B 255 6.91 13.79 41.65
CA PRO B 255 8.09 13.50 42.49
C PRO B 255 8.43 12.00 42.55
N GLU B 256 7.41 11.15 42.53
CA GLU B 256 7.61 9.71 42.61
C GLU B 256 8.46 9.16 41.43
N ARG B 257 8.38 9.81 40.26
CA ARG B 257 9.17 9.40 39.08
C ARG B 257 10.43 10.27 38.85
N ARG B 258 11.01 10.77 39.94
CA ARG B 258 12.17 11.68 39.86
CA ARG B 258 12.18 11.68 39.87
C ARG B 258 13.42 11.02 39.24
N GLY B 259 13.52 9.69 39.33
CA GLY B 259 14.77 9.00 38.93
C GLY B 259 14.76 8.01 37.77
N VAL B 260 13.70 8.00 36.98
CA VAL B 260 13.55 6.98 35.95
C VAL B 260 13.75 7.66 34.58
N PRO B 261 14.62 7.07 33.75
CA PRO B 261 14.67 7.59 32.38
C PRO B 261 13.33 7.37 31.68
N ARG B 262 13.02 8.18 30.69
CA ARG B 262 11.80 8.00 29.92
C ARG B 262 12.22 7.88 28.46
N TYR B 263 11.65 6.92 27.76
CA TYR B 263 11.86 6.77 26.31
C TYR B 263 10.52 6.77 25.65
N SER B 264 10.44 7.40 24.48
CA SER B 264 9.25 7.26 23.69
CA SER B 264 9.23 7.40 23.70
C SER B 264 9.60 7.21 22.22
N THR B 265 8.73 6.59 21.43
CA THR B 265 9.01 6.33 20.03
C THR B 265 7.82 6.65 19.13
N PRO B 266 7.36 7.92 19.15
CA PRO B 266 6.21 8.27 18.32
C PRO B 266 6.54 8.21 16.81
N PHE B 267 5.54 7.83 16.02
CA PHE B 267 5.65 7.80 14.57
C PHE B 267 4.73 8.86 14.00
N PHE B 268 5.35 9.81 13.30
CA PHE B 268 4.65 10.92 12.66
C PHE B 268 4.36 10.55 11.20
N LEU B 269 3.13 10.13 10.92
CA LEU B 269 2.74 9.70 9.60
C LEU B 269 2.38 10.95 8.79
N HIS B 270 3.00 11.10 7.62
CA HIS B 270 2.79 12.21 6.69
C HIS B 270 2.27 11.73 5.33
N PHE B 271 1.57 12.64 4.68
CA PHE B 271 1.19 12.45 3.28
C PHE B 271 2.46 12.46 2.43
N ALA B 272 2.35 11.87 1.24
CA ALA B 272 3.29 12.14 0.15
C ALA B 272 3.49 13.63 -0.09
N SER B 273 4.76 14.00 -0.28
CA SER B 273 5.15 15.40 -0.49
C SER B 273 4.37 16.12 -1.58
N ASP B 274 4.11 15.41 -2.67
CA ASP B 274 3.42 15.98 -3.80
C ASP B 274 1.90 15.80 -3.79
N TYR B 275 1.34 15.26 -2.70
CA TYR B 275 -0.12 15.11 -2.59
C TYR B 275 -0.75 16.48 -2.43
N GLU B 276 -1.71 16.81 -3.31
CA GLU B 276 -2.48 18.04 -3.21
C GLU B 276 -3.59 17.82 -2.19
N ILE B 277 -3.55 18.61 -1.11
CA ILE B 277 -4.62 18.64 -0.10
C ILE B 277 -5.67 19.62 -0.59
N LYS B 278 -6.80 19.05 -0.96
CA LYS B 278 -7.94 19.79 -1.49
C LYS B 278 -9.17 19.37 -0.70
N THR B 279 -9.92 20.34 -0.20
CA THR B 279 -10.94 20.04 0.79
C THR B 279 -11.90 18.94 0.33
N LEU B 280 -12.17 17.95 1.18
CA LEU B 280 -13.16 16.94 0.87
C LEU B 280 -14.52 17.60 0.71
N GLN B 281 -15.18 17.34 -0.42
CA GLN B 281 -16.43 18.01 -0.65
C GLN B 281 -17.52 17.62 0.32
N ASN B 282 -17.49 16.39 0.84
CA ASN B 282 -18.53 15.99 1.78
C ASN B 282 -18.32 16.60 3.18
N CYS B 283 -17.18 17.28 3.35
CA CYS B 283 -16.90 18.02 4.57
C CYS B 283 -17.18 19.52 4.42
N VAL B 284 -17.68 19.93 3.24
CA VAL B 284 -18.09 21.31 2.98
C VAL B 284 -19.61 21.33 2.98
N THR B 285 -20.19 22.10 3.89
CA THR B 285 -21.64 22.18 4.04
C THR B 285 -22.04 23.64 4.25
N ALA B 286 -23.35 23.88 4.29
CA ALA B 286 -23.86 25.20 4.59
C ALA B 286 -23.35 25.68 5.96
N GLU B 287 -23.30 24.75 6.91
CA GLU B 287 -22.92 25.08 8.28
C GLU B 287 -21.41 25.17 8.42
N ASN B 288 -20.70 24.44 7.56
CA ASN B 288 -19.24 24.40 7.61
C ASN B 288 -18.65 24.65 6.23
N PRO B 289 -18.65 25.94 5.81
CA PRO B 289 -18.13 26.30 4.49
C PRO B 289 -16.63 26.00 4.35
N ASP B 290 -16.17 25.90 3.12
CA ASP B 290 -14.78 25.55 2.83
C ASP B 290 -13.83 26.62 3.41
N ARG B 291 -13.01 26.21 4.37
CA ARG B 291 -12.03 27.11 5.00
C ARG B 291 -10.75 27.23 4.17
N TYR B 292 -10.63 26.38 3.15
CA TYR B 292 -9.40 26.23 2.39
C TYR B 292 -9.68 26.30 0.89
N PRO B 293 -10.15 27.45 0.42
CA PRO B 293 -10.47 27.57 -1.00
C PRO B 293 -9.28 27.37 -1.95
N GLU B 294 -8.05 27.60 -1.45
CA GLU B 294 -6.84 27.36 -2.23
CA GLU B 294 -6.85 27.38 -2.23
C GLU B 294 -6.17 26.11 -1.73
N SER B 295 -5.99 25.14 -2.62
CA SER B 295 -5.38 23.88 -2.24
C SER B 295 -3.88 24.05 -2.09
N ILE B 296 -3.24 23.03 -1.51
CA ILE B 296 -1.81 23.13 -1.19
C ILE B 296 -1.24 21.72 -1.18
N THR B 297 0.02 21.58 -1.61
CA THR B 297 0.62 20.25 -1.50
C THR B 297 1.05 20.00 -0.05
N ALA B 298 1.18 18.72 0.31
CA ALA B 298 1.59 18.40 1.67
C ALA B 298 2.94 19.01 2.00
N ASP B 299 3.87 19.01 1.05
CA ASP B 299 5.20 19.55 1.36
C ASP B 299 5.15 21.08 1.49
N GLU B 300 4.36 21.74 0.66
CA GLU B 300 4.14 23.20 0.74
CA GLU B 300 4.24 23.19 0.80
C GLU B 300 3.58 23.56 2.12
N PHE B 301 2.65 22.74 2.58
CA PHE B 301 1.98 22.95 3.87
C PHE B 301 2.96 22.73 5.00
N LEU B 302 3.77 21.68 4.89
CA LEU B 302 4.78 21.36 5.87
C LEU B 302 5.74 22.52 5.98
N GLN B 303 6.21 23.04 4.84
CA GLN B 303 7.12 24.16 4.84
C GLN B 303 6.48 25.40 5.46
N GLN B 304 5.20 25.65 5.13
CA GLN B 304 4.46 26.79 5.70
C GLN B 304 4.37 26.66 7.24
N ARG B 305 3.95 25.51 7.75
CA ARG B 305 3.83 25.27 9.20
CA ARG B 305 3.81 25.32 9.20
C ARG B 305 5.14 25.48 9.94
N LEU B 306 6.22 24.97 9.37
CA LEU B 306 7.53 25.07 9.99
C LEU B 306 7.98 26.54 10.07
N ARG B 307 7.69 27.30 9.02
CA ARG B 307 7.93 28.76 9.04
C ARG B 307 7.11 29.45 10.15
N GLU B 308 5.83 29.11 10.26
CA GLU B 308 4.94 29.70 11.28
C GLU B 308 5.41 29.41 12.73
N ILE B 309 6.02 28.24 12.93
CA ILE B 309 6.58 27.85 14.23
C ILE B 309 8.07 28.23 14.31
C1 EDO C . -6.22 -16.44 -20.45
O1 EDO C . -5.57 -15.91 -21.60
C2 EDO C . -7.47 -15.67 -20.09
O2 EDO C . -7.17 -14.31 -19.73
C1 EDO D . 10.05 4.75 -23.04
O1 EDO D . 9.34 4.14 -24.12
C2 EDO D . 9.01 5.33 -22.08
O2 EDO D . 8.25 6.39 -22.69
C1 EDO E . -10.06 -5.48 3.14
O1 EDO E . -9.84 -4.12 2.74
C2 EDO E . -11.43 -5.93 2.66
O2 EDO E . -11.45 -5.96 1.21
C1 EDO F . -19.43 -11.35 -13.70
O1 EDO F . -18.98 -12.54 -13.00
C2 EDO F . -20.28 -10.43 -12.83
O2 EDO F . -21.29 -11.15 -12.10
C1 EDO G . 20.20 -14.73 -15.31
O1 EDO G . 19.77 -14.37 -14.00
C2 EDO G . 19.08 -15.43 -16.07
O2 EDO G . 17.94 -14.57 -16.23
C1 EDO H . 14.03 -14.35 2.39
O1 EDO H . 15.02 -14.91 1.47
C2 EDO H . 12.80 -15.24 2.66
O2 EDO H . 13.12 -16.59 3.07
C1 EDO I . -4.48 -19.26 -45.82
O1 EDO I . -5.28 -18.12 -46.16
C2 EDO I . -5.35 -20.36 -45.22
O2 EDO I . -5.99 -19.89 -44.03
C1 EDO J . 8.26 -6.23 4.91
O1 EDO J . 7.51 -7.43 5.06
C2 EDO J . 7.81 -5.53 3.63
O2 EDO J . 6.56 -4.85 3.86
C1 EDO K . 3.27 7.99 -26.11
O1 EDO K . 2.62 8.95 -26.92
C2 EDO K . 2.41 7.75 -24.87
O2 EDO K . 3.09 6.81 -24.06
C1 EDO L . -11.06 11.36 -21.42
O1 EDO L . -9.65 11.61 -21.44
C2 EDO L . -11.38 10.14 -22.25
O2 EDO L . -11.83 9.06 -21.43
CL CL M . 10.02 8.49 -8.04
C1 EDO N . 18.40 17.18 -0.29
O1 EDO N . 18.33 18.61 -0.40
C2 EDO N . 17.65 16.71 0.94
O2 EDO N . 18.31 17.23 2.12
C1 EDO O . -4.69 -6.95 8.81
O1 EDO O . -3.49 -6.91 8.04
C2 EDO O . -4.39 -7.36 10.25
O2 EDO O . -3.49 -6.42 10.83
C1 EDO P . 3.04 14.10 22.89
O1 EDO P . 4.24 14.86 22.71
C2 EDO P . 3.34 12.63 23.19
O2 EDO P . 4.18 12.07 22.15
C1 EDO Q . -14.89 28.29 -0.99
O1 EDO Q . -15.01 29.68 -1.21
C2 EDO Q . -14.79 27.59 -2.33
O2 EDO Q . -14.45 26.22 -2.13
C1 EDO R . -19.05 13.06 5.70
O1 EDO R . -20.02 12.59 6.65
C2 EDO R . -17.83 13.62 6.42
O2 EDO R . -18.20 14.64 7.35
C1 EDO S . -6.24 -8.11 14.07
O1 EDO S . -6.70 -9.42 14.44
C2 EDO S . -7.13 -7.48 12.99
O2 EDO S . -8.41 -7.14 13.51
C1 EDO T . 24.71 -0.81 11.66
O1 EDO T . 24.31 -2.14 11.33
C2 EDO T . 23.50 0.12 11.65
O2 EDO T . 22.63 -0.14 12.78
C1 EDO U . -7.60 5.51 -3.85
O1 EDO U . -7.09 4.25 -3.40
C2 EDO U . -9.03 5.27 -4.33
O2 EDO U . -9.93 5.32 -3.22
C1 EDO V . 16.25 22.33 0.39
O1 EDO V . 17.61 22.29 -0.04
C2 EDO V . 15.50 21.11 -0.14
O2 EDO V . 15.98 19.98 0.61
C1 EDO W . 0.98 -3.44 11.29
O1 EDO W . 0.69 -3.15 9.92
C2 EDO W . -0.33 -3.84 11.96
O2 EDO W . -0.63 -5.23 11.70
#